data_6Y2P
#
_entry.id   6Y2P
#
_cell.length_a   243.320
_cell.length_b   133.580
_cell.length_c   55.640
_cell.angle_alpha   90.000
_cell.angle_beta   95.110
_cell.angle_gamma   90.000
#
_symmetry.space_group_name_H-M   'C 1 2 1'
#
loop_
_entity.id
_entity.type
_entity.pdbx_description
1 polymer 'mRNA endoribonuclease toxin LS'
2 polymer 'Antitoxin RnlB'
3 water water
#
loop_
_entity_poly.entity_id
_entity_poly.type
_entity_poly.pdbx_seq_one_letter_code
_entity_poly.pdbx_strand_id
1 'polypeptide(L)'
;MTIRSYKNLNLVRANIETESRQFIENKNYSIQSIGPMPGSRAGLRVVFTRPGVNLATVDIFYNGDGSTTIQYLTGANRSL
GQELADHLFETINPAEFEQVNMVLQGFVETSVLPVLELSADESHIEFREHSRNAHTVVWKIISTSYQDELTVSLHITTGK
LQIQGRPLSCYRVFTFNLAALLDLQGLEKVLIRQEDGKANIVQQEVARTYLQTVMADAYPHLHVTAEKLLVSGLCVKLAA
PDLPDYCMLLYPELRTIEGVLKSKMSGLGMPVQQPAGFGTYFDKPAAHYILKPQFAATLRPEQINIISTAYTFFNVERHS
LFHMETVVDASRMISDMARLMGKATRAWGIIKDLYIV
;
A,B
2 'polypeptide(L)'
;MFEITGINVSGALKAVVMATGFENPLSSVNEIETKLSALLGSETTGEILFDLLCANGPEWNRFVTLEMKYGRIMLDTAKI
IDEQDVPTHILSKLTFTLRNHPEYLEASVLSPDDVRQVLSMDFAAALEHHHHHH
;
C,D
#
# COMPACT_ATOMS: atom_id res chain seq x y z
N ILE A 3 -2.84 13.07 10.10
CA ILE A 3 -3.42 12.37 11.24
C ILE A 3 -4.81 11.85 10.84
N ARG A 4 -5.82 12.67 11.10
CA ARG A 4 -7.18 12.54 10.58
C ARG A 4 -7.49 13.75 9.71
N SER A 5 -8.48 13.61 8.83
CA SER A 5 -8.95 14.75 8.05
C SER A 5 -10.37 15.10 8.45
N TYR A 6 -10.57 16.35 8.87
CA TYR A 6 -11.90 16.80 9.27
C TYR A 6 -12.54 17.71 8.23
N LYS A 7 -12.10 17.63 6.97
CA LYS A 7 -12.61 18.48 5.90
C LYS A 7 -13.61 17.69 5.09
N ASN A 8 -14.69 18.33 4.68
CA ASN A 8 -15.68 17.71 3.79
C ASN A 8 -16.24 16.41 4.37
N LEU A 9 -16.58 16.45 5.65
CA LEU A 9 -17.21 15.32 6.31
C LEU A 9 -18.66 15.21 5.87
N ASN A 10 -19.14 13.98 5.75
CA ASN A 10 -20.57 13.73 5.51
C ASN A 10 -21.29 13.63 6.85
N LEU A 11 -21.32 14.75 7.58
CA LEU A 11 -22.06 14.81 8.83
C LEU A 11 -23.56 14.94 8.55
N VAL A 12 -24.38 14.31 9.37
CA VAL A 12 -25.81 14.59 9.35
C VAL A 12 -26.00 16.02 9.85
N ARG A 13 -26.28 16.94 8.94
CA ARG A 13 -26.29 18.34 9.34
C ARG A 13 -27.30 18.59 10.43
N ALA A 14 -28.43 17.86 10.42
CA ALA A 14 -29.49 18.09 11.39
C ALA A 14 -29.18 17.59 12.79
N ASN A 15 -28.05 16.92 13.01
CA ASN A 15 -27.67 16.42 14.33
C ASN A 15 -26.38 17.05 14.86
N ILE A 16 -25.89 18.11 14.23
CA ILE A 16 -24.58 18.61 14.65
C ILE A 16 -24.68 19.30 16.00
N GLU A 17 -25.72 20.12 16.21
CA GLU A 17 -25.87 20.76 17.52
C GLU A 17 -26.11 19.72 18.60
N THR A 18 -27.17 18.92 18.44
CA THR A 18 -27.49 17.89 19.43
C THR A 18 -26.26 17.09 19.82
N GLU A 19 -25.64 16.46 18.83
CA GLU A 19 -24.47 15.63 19.09
C GLU A 19 -23.44 16.41 19.89
N SER A 20 -23.10 17.62 19.43
CA SER A 20 -22.09 18.40 20.14
C SER A 20 -22.46 18.59 21.59
N ARG A 21 -23.72 18.99 21.84
CA ARG A 21 -24.17 19.20 23.21
C ARG A 21 -24.14 17.90 23.99
N GLN A 22 -24.57 16.80 23.36
CA GLN A 22 -24.51 15.53 24.06
C GLN A 22 -23.07 15.09 24.29
N PHE A 23 -22.14 15.57 23.46
CA PHE A 23 -20.72 15.34 23.73
C PHE A 23 -20.26 16.15 24.93
N ILE A 24 -20.79 17.37 25.10
CA ILE A 24 -20.47 18.15 26.29
C ILE A 24 -21.31 17.69 27.48
N GLU A 25 -22.37 16.92 27.24
CA GLU A 25 -23.17 16.38 28.35
C GLU A 25 -22.50 15.17 28.98
N ASN A 26 -21.88 14.29 28.17
CA ASN A 26 -21.19 13.14 28.74
C ASN A 26 -19.78 13.49 29.19
N LYS A 27 -19.07 14.32 28.43
CA LYS A 27 -17.75 14.72 28.87
C LYS A 27 -17.81 15.72 30.04
N ASN A 28 -19.01 16.16 30.42
CA ASN A 28 -19.24 17.03 31.59
C ASN A 28 -18.41 18.30 31.53
N TYR A 29 -17.98 18.69 30.33
CA TYR A 29 -17.47 20.03 30.13
C TYR A 29 -18.59 21.05 30.27
N SER A 30 -18.21 22.33 30.24
CA SER A 30 -19.16 23.43 30.42
C SER A 30 -19.41 24.11 29.09
N ILE A 31 -20.65 24.02 28.60
CA ILE A 31 -21.05 24.69 27.33
C ILE A 31 -20.96 26.21 27.57
N GLN A 32 -20.35 26.95 26.62
CA GLN A 32 -20.19 28.42 26.81
C GLN A 32 -20.96 29.18 25.73
N SER A 33 -20.92 28.72 24.48
CA SER A 33 -21.61 29.44 23.40
C SER A 33 -21.84 28.53 22.19
N ILE A 34 -23.05 28.55 21.66
CA ILE A 34 -23.36 27.91 20.38
C ILE A 34 -24.02 28.97 19.50
N GLY A 35 -23.79 28.87 18.19
CA GLY A 35 -24.50 29.73 17.27
C GLY A 35 -23.82 29.84 15.93
N PRO A 36 -24.48 30.43 14.94
CA PRO A 36 -23.88 30.50 13.60
C PRO A 36 -22.69 31.44 13.57
N MET A 37 -21.81 31.21 12.59
CA MET A 37 -20.65 32.08 12.39
C MET A 37 -21.09 33.46 11.92
N PRO A 38 -20.31 34.52 12.23
CA PRO A 38 -20.85 35.90 12.14
C PRO A 38 -21.53 36.23 10.83
N GLY A 39 -20.85 35.94 9.73
CA GLY A 39 -21.39 36.18 8.41
C GLY A 39 -20.38 35.80 7.36
N SER A 40 -20.86 35.73 6.12
CA SER A 40 -20.08 35.41 4.92
C SER A 40 -19.59 33.97 4.96
N ARG A 41 -19.79 33.30 6.09
CA ARG A 41 -19.34 31.92 6.26
C ARG A 41 -20.50 31.19 6.95
N ALA A 42 -21.37 30.58 6.15
CA ALA A 42 -22.55 29.90 6.68
C ALA A 42 -22.10 28.65 7.44
N GLY A 43 -22.20 28.70 8.76
CA GLY A 43 -21.86 27.54 9.56
C GLY A 43 -22.35 27.59 10.99
N LEU A 44 -21.53 27.07 11.89
CA LEU A 44 -21.88 26.94 13.30
C LEU A 44 -20.59 27.03 14.11
N ARG A 45 -20.73 27.47 15.36
CA ARG A 45 -19.59 27.68 16.25
C ARG A 45 -19.96 27.21 17.65
N VAL A 46 -19.06 26.43 18.26
CA VAL A 46 -19.23 25.91 19.62
C VAL A 46 -18.03 26.31 20.49
N VAL A 47 -18.31 26.82 21.68
CA VAL A 47 -17.34 27.36 22.64
C VAL A 47 -17.57 26.67 23.97
N PHE A 48 -16.54 25.96 24.48
CA PHE A 48 -16.67 25.22 25.72
C PHE A 48 -15.33 25.19 26.44
N THR A 49 -15.33 24.67 27.68
CA THR A 49 -14.14 24.64 28.54
C THR A 49 -14.33 23.56 29.62
N ARG A 50 -13.19 23.03 30.13
CA ARG A 50 -13.03 22.17 31.30
C ARG A 50 -12.47 22.98 32.46
N PRO A 51 -12.68 22.52 33.69
CA PRO A 51 -12.19 23.30 34.85
C PRO A 51 -10.68 23.46 34.84
N GLY A 52 -10.23 24.71 34.71
CA GLY A 52 -8.82 25.03 34.80
C GLY A 52 -8.04 24.97 33.51
N VAL A 53 -8.69 25.12 32.35
CA VAL A 53 -8.02 25.20 31.05
C VAL A 53 -8.65 26.32 30.23
N ASN A 54 -8.05 26.60 29.07
CA ASN A 54 -8.46 27.73 28.24
C ASN A 54 -9.81 27.44 27.56
N LEU A 55 -10.31 28.42 26.82
CA LEU A 55 -11.62 28.32 26.18
C LEU A 55 -11.46 27.82 24.74
N ALA A 56 -12.02 26.64 24.46
CA ALA A 56 -11.88 26.00 23.16
C ALA A 56 -13.04 26.40 22.26
N THR A 57 -12.71 26.74 21.02
CA THR A 57 -13.70 27.10 20.02
C THR A 57 -13.55 26.19 18.79
N VAL A 58 -14.68 25.78 18.24
CA VAL A 58 -14.74 24.86 17.12
C VAL A 58 -15.70 25.41 16.10
N ASP A 59 -15.21 25.63 14.88
CA ASP A 59 -15.98 26.28 13.81
C ASP A 59 -16.35 25.21 12.78
N ILE A 60 -17.63 24.90 12.68
CA ILE A 60 -18.17 23.86 11.84
C ILE A 60 -18.83 24.55 10.65
N PHE A 61 -18.13 24.61 9.51
CA PHE A 61 -18.61 25.31 8.32
C PHE A 61 -19.40 24.37 7.41
N TYR A 62 -20.47 24.91 6.81
CA TYR A 62 -21.39 24.13 5.99
C TYR A 62 -21.03 24.31 4.52
N ASN A 63 -20.48 23.27 3.91
CA ASN A 63 -20.07 23.31 2.52
C ASN A 63 -21.30 23.24 1.61
N GLY A 64 -21.19 23.85 0.43
CA GLY A 64 -22.24 23.76 -0.57
C GLY A 64 -22.48 22.35 -1.08
N ASP A 65 -21.51 21.44 -0.89
CA ASP A 65 -21.70 20.03 -1.21
C ASP A 65 -22.85 19.39 -0.46
N GLY A 66 -23.20 19.96 0.70
CA GLY A 66 -23.93 19.26 1.73
C GLY A 66 -23.01 18.66 2.79
N SER A 67 -21.70 18.76 2.59
CA SER A 67 -20.74 18.31 3.58
C SER A 67 -20.47 19.43 4.58
N THR A 68 -19.64 19.10 5.56
CA THR A 68 -19.28 19.99 6.65
C THR A 68 -17.78 19.89 6.86
N THR A 69 -17.18 20.99 7.30
CA THR A 69 -15.75 21.05 7.58
C THR A 69 -15.56 21.58 8.99
N ILE A 70 -14.87 20.82 9.83
CA ILE A 70 -14.62 21.23 11.21
C ILE A 70 -13.25 21.91 11.27
N GLN A 71 -13.20 23.07 11.90
CA GLN A 71 -11.94 23.77 12.19
C GLN A 71 -11.78 23.82 13.70
N TYR A 72 -10.80 23.08 14.21
CA TYR A 72 -10.50 23.07 15.64
C TYR A 72 -9.17 23.72 15.96
N LEU A 73 -8.37 24.04 14.94
CA LEU A 73 -7.11 24.75 15.12
C LEU A 73 -7.33 26.27 15.13
N THR A 74 -8.27 26.72 15.96
CA THR A 74 -8.65 28.14 16.01
C THR A 74 -8.81 28.70 17.42
N GLY A 75 -9.03 27.88 18.44
CA GLY A 75 -9.40 28.37 19.75
C GLY A 75 -8.22 28.75 20.63
N ALA A 76 -8.56 29.21 21.83
CA ALA A 76 -7.53 29.35 22.86
C ALA A 76 -7.14 28.01 23.48
N ASN A 77 -7.82 26.93 23.09
CA ASN A 77 -7.50 25.58 23.53
C ASN A 77 -7.85 24.64 22.36
N ARG A 78 -6.87 24.39 21.50
CA ARG A 78 -7.08 23.49 20.38
C ARG A 78 -7.08 22.02 20.81
N SER A 79 -6.27 21.69 21.81
CA SER A 79 -6.20 20.34 22.34
C SER A 79 -7.58 19.81 22.68
N LEU A 80 -8.42 20.63 23.31
CA LEU A 80 -9.74 20.19 23.76
C LEU A 80 -10.81 20.44 22.69
N GLY A 81 -10.58 21.39 21.77
CA GLY A 81 -11.49 21.52 20.64
C GLY A 81 -11.45 20.30 19.74
N GLN A 82 -10.26 19.69 19.59
CA GLN A 82 -10.16 18.47 18.80
C GLN A 82 -10.98 17.34 19.39
N GLU A 83 -11.31 17.38 20.68
CA GLU A 83 -12.16 16.34 21.27
C GLU A 83 -13.57 16.39 20.66
N LEU A 84 -14.14 17.59 20.53
CA LEU A 84 -15.42 17.74 19.86
C LEU A 84 -15.31 17.41 18.38
N ALA A 85 -14.22 17.83 17.75
CA ALA A 85 -14.00 17.46 16.36
C ALA A 85 -14.01 15.93 16.19
N ASP A 86 -13.28 15.21 17.05
CA ASP A 86 -13.19 13.76 16.89
C ASP A 86 -14.51 13.09 17.25
N HIS A 87 -15.23 13.64 18.24
CA HIS A 87 -16.57 13.12 18.50
C HIS A 87 -17.45 13.24 17.26
N LEU A 88 -17.39 14.39 16.57
CA LEU A 88 -18.24 14.52 15.39
C LEU A 88 -17.76 13.62 14.27
N PHE A 89 -16.45 13.43 14.16
CA PHE A 89 -15.86 12.58 13.14
C PHE A 89 -16.34 11.15 13.27
N GLU A 90 -16.42 10.67 14.50
CA GLU A 90 -16.81 9.29 14.77
C GLU A 90 -18.30 9.07 14.61
N THR A 91 -19.06 10.12 14.27
CA THR A 91 -20.47 10.03 13.90
C THR A 91 -20.70 9.26 12.59
N ILE A 92 -19.69 9.21 11.71
CA ILE A 92 -19.79 8.65 10.37
C ILE A 92 -19.21 7.24 10.35
N ASN A 93 -19.88 6.32 9.66
CA ASN A 93 -19.25 5.01 9.48
C ASN A 93 -18.00 5.18 8.63
N PRO A 94 -16.82 4.80 9.14
CA PRO A 94 -15.58 5.00 8.36
C PRO A 94 -15.46 4.14 7.12
N ALA A 95 -16.26 3.06 6.97
CA ALA A 95 -16.23 2.26 5.75
C ALA A 95 -17.26 2.70 4.73
N GLU A 96 -18.14 3.63 5.10
CA GLU A 96 -19.05 4.19 4.11
C GLU A 96 -18.28 5.08 3.14
N PHE A 97 -18.76 5.11 1.90
CA PHE A 97 -18.11 5.87 0.85
C PHE A 97 -18.33 7.38 1.01
N GLU A 98 -17.33 8.16 0.62
CA GLU A 98 -17.54 9.60 0.58
C GLU A 98 -18.65 9.92 -0.40
N GLN A 99 -18.61 9.31 -1.57
CA GLN A 99 -19.65 9.42 -2.59
C GLN A 99 -20.05 8.03 -3.05
N VAL A 100 -21.33 7.73 -2.94
CA VAL A 100 -21.87 6.41 -3.21
C VAL A 100 -22.35 6.35 -4.64
N ASN A 101 -21.97 5.28 -5.35
CA ASN A 101 -22.61 4.85 -6.58
C ASN A 101 -23.17 3.45 -6.34
N MET A 102 -24.49 3.32 -6.39
CA MET A 102 -25.14 2.05 -6.08
C MET A 102 -26.18 1.73 -7.15
N VAL A 103 -26.17 0.50 -7.65
CA VAL A 103 -27.13 0.08 -8.69
C VAL A 103 -27.87 -1.17 -8.22
N LEU A 104 -29.21 -1.09 -8.24
CA LEU A 104 -30.10 -2.21 -7.95
C LEU A 104 -30.80 -2.67 -9.23
N GLN A 105 -31.30 -3.92 -9.21
CA GLN A 105 -31.86 -4.60 -10.38
C GLN A 105 -33.38 -4.81 -10.22
N GLY A 106 -34.07 -4.91 -11.36
CA GLY A 106 -35.49 -5.24 -11.38
C GLY A 106 -36.46 -4.11 -11.08
N PHE A 107 -36.32 -2.98 -11.77
CA PHE A 107 -37.09 -1.77 -11.47
C PHE A 107 -37.71 -1.21 -12.74
N VAL A 108 -38.98 -0.79 -12.63
CA VAL A 108 -39.68 -0.09 -13.68
C VAL A 108 -40.01 1.33 -13.19
N GLU A 109 -40.37 2.20 -14.13
CA GLU A 109 -40.66 3.59 -13.78
C GLU A 109 -41.80 3.69 -12.77
N THR A 110 -42.76 2.77 -12.84
CA THR A 110 -44.01 2.78 -12.09
C THR A 110 -43.81 2.48 -10.62
N SER A 111 -42.69 1.88 -10.24
CA SER A 111 -42.37 1.61 -8.85
C SER A 111 -41.29 2.54 -8.30
N VAL A 112 -40.79 3.48 -9.10
CA VAL A 112 -39.71 4.35 -8.67
C VAL A 112 -40.16 5.81 -8.57
N LEU A 113 -41.08 6.23 -9.47
CA LEU A 113 -41.61 7.59 -9.33
C LEU A 113 -42.41 7.72 -8.03
N PRO A 114 -43.20 6.72 -7.60
CA PRO A 114 -43.90 6.88 -6.31
C PRO A 114 -42.96 7.06 -5.12
N VAL A 115 -41.83 6.35 -5.06
CA VAL A 115 -40.87 6.55 -3.97
C VAL A 115 -40.21 7.92 -4.06
N LEU A 116 -39.86 8.34 -5.29
CA LEU A 116 -39.33 9.67 -5.51
C LEU A 116 -40.32 10.74 -5.01
N GLU A 117 -41.58 10.63 -5.43
CA GLU A 117 -42.55 11.61 -5.00
C GLU A 117 -42.72 11.59 -3.47
N LEU A 118 -42.81 10.40 -2.86
CA LEU A 118 -43.14 10.32 -1.43
C LEU A 118 -42.01 10.80 -0.55
N SER A 119 -40.77 10.57 -0.96
CA SER A 119 -39.64 11.19 -0.32
C SER A 119 -39.64 12.72 -0.50
N ALA A 120 -40.18 13.21 -1.60
CA ALA A 120 -40.24 14.65 -1.82
C ALA A 120 -41.48 15.25 -1.13
N ASP A 121 -42.02 14.52 -0.17
CA ASP A 121 -43.17 14.94 0.62
C ASP A 121 -42.72 15.41 2.00
N GLU A 122 -41.56 16.07 2.03
CA GLU A 122 -40.98 16.61 3.25
C GLU A 122 -40.77 18.11 3.06
N SER A 123 -40.35 18.79 4.13
CA SER A 123 -40.30 20.25 4.07
C SER A 123 -39.13 20.73 3.23
N HIS A 124 -38.04 19.95 3.18
CA HIS A 124 -36.81 20.35 2.51
C HIS A 124 -36.47 19.51 1.31
N ILE A 125 -37.26 18.48 1.00
CA ILE A 125 -36.96 17.56 -0.08
C ILE A 125 -37.79 17.96 -1.29
N GLU A 126 -37.18 17.85 -2.47
CA GLU A 126 -37.85 18.14 -3.72
C GLU A 126 -37.11 17.39 -4.82
N PHE A 127 -37.84 16.85 -5.79
CA PHE A 127 -37.20 16.11 -6.86
C PHE A 127 -37.61 16.65 -8.23
N ARG A 128 -36.62 16.77 -9.09
CA ARG A 128 -36.70 17.39 -10.39
C ARG A 128 -36.39 16.32 -11.43
N GLU A 129 -37.03 16.42 -12.58
CA GLU A 129 -36.74 15.48 -13.66
C GLU A 129 -35.62 16.06 -14.50
N HIS A 130 -34.42 15.49 -14.37
CA HIS A 130 -33.26 16.00 -15.08
C HIS A 130 -33.36 15.72 -16.57
N SER A 131 -33.52 14.45 -16.95
CA SER A 131 -33.63 14.14 -18.37
C SER A 131 -34.39 12.84 -18.61
N ARG A 132 -35.05 12.76 -19.78
CA ARG A 132 -35.79 11.57 -20.23
C ARG A 132 -35.29 11.22 -21.62
N ASN A 133 -34.34 10.30 -21.67
CA ASN A 133 -33.70 9.80 -22.87
C ASN A 133 -34.55 8.74 -23.59
N ALA A 134 -35.69 8.35 -23.02
CA ALA A 134 -36.54 7.26 -23.47
C ALA A 134 -35.82 5.91 -23.39
N HIS A 135 -34.63 5.85 -22.82
CA HIS A 135 -33.99 4.60 -22.40
C HIS A 135 -33.41 4.69 -20.99
N THR A 136 -32.88 5.85 -20.61
CA THR A 136 -32.48 6.13 -19.24
C THR A 136 -33.11 7.44 -18.80
N VAL A 137 -33.98 7.37 -17.78
CA VAL A 137 -34.61 8.54 -17.18
C VAL A 137 -33.88 8.87 -15.86
N VAL A 138 -33.55 10.14 -15.67
CA VAL A 138 -32.76 10.58 -14.53
C VAL A 138 -33.46 11.76 -13.87
N TRP A 139 -33.56 11.68 -12.53
CA TRP A 139 -34.06 12.69 -11.61
C TRP A 139 -32.91 13.23 -10.75
N LYS A 140 -33.11 14.44 -10.21
CA LYS A 140 -32.22 15.00 -9.19
C LYS A 140 -33.05 15.36 -7.97
N ILE A 141 -32.59 14.92 -6.80
CA ILE A 141 -33.22 15.24 -5.52
C ILE A 141 -32.28 16.18 -4.78
N ILE A 142 -32.74 17.42 -4.53
CA ILE A 142 -31.97 18.39 -3.77
C ILE A 142 -32.74 18.73 -2.51
N SER A 143 -32.00 19.16 -1.47
CA SER A 143 -32.56 19.66 -0.21
C SER A 143 -32.12 21.09 0.00
N THR A 144 -33.07 21.99 0.22
CA THR A 144 -32.79 23.40 0.47
C THR A 144 -32.30 23.67 1.89
N SER A 145 -32.38 22.69 2.78
CA SER A 145 -31.93 22.88 4.14
C SER A 145 -30.52 22.37 4.38
N TYR A 146 -30.05 21.43 3.55
CA TYR A 146 -28.75 20.79 3.77
C TYR A 146 -27.87 20.78 2.53
N GLN A 147 -28.31 21.45 1.46
CA GLN A 147 -27.48 21.77 0.29
C GLN A 147 -26.82 20.55 -0.33
N ASP A 148 -27.51 19.41 -0.29
CA ASP A 148 -26.96 18.18 -0.86
C ASP A 148 -27.97 17.55 -1.81
N GLU A 149 -27.47 17.07 -2.94
CA GLU A 149 -28.34 16.53 -3.98
C GLU A 149 -27.88 15.14 -4.38
N LEU A 150 -28.82 14.39 -4.91
CA LEU A 150 -28.65 13.01 -5.31
C LEU A 150 -29.10 12.89 -6.75
N THR A 151 -28.40 12.06 -7.53
CA THR A 151 -28.77 11.76 -8.90
C THR A 151 -29.30 10.33 -8.98
N VAL A 152 -30.52 10.17 -9.48
CA VAL A 152 -31.17 8.87 -9.61
C VAL A 152 -31.39 8.62 -11.11
N SER A 153 -30.73 7.60 -11.67
CA SER A 153 -30.85 7.21 -13.08
C SER A 153 -31.41 5.79 -13.18
N LEU A 154 -32.64 5.64 -13.68
CA LEU A 154 -33.18 4.31 -13.97
C LEU A 154 -33.04 4.05 -15.46
N HIS A 155 -32.32 2.97 -15.80
CA HIS A 155 -32.22 2.50 -17.17
C HIS A 155 -33.32 1.48 -17.40
N ILE A 156 -34.25 1.78 -18.32
CA ILE A 156 -35.56 1.12 -18.38
C ILE A 156 -35.46 -0.25 -19.06
N THR A 157 -34.84 -0.34 -20.24
CA THR A 157 -34.73 -1.65 -20.89
C THR A 157 -33.75 -2.54 -20.17
N THR A 158 -32.94 -1.97 -19.29
CA THR A 158 -32.13 -2.77 -18.40
C THR A 158 -32.84 -3.05 -17.08
N GLY A 159 -33.71 -2.16 -16.63
CA GLY A 159 -34.34 -2.31 -15.32
C GLY A 159 -33.44 -2.04 -14.14
N LYS A 160 -32.50 -1.11 -14.27
CA LYS A 160 -31.44 -0.94 -13.28
C LYS A 160 -31.52 0.48 -12.74
N LEU A 161 -31.68 0.59 -11.43
CA LEU A 161 -31.84 1.88 -10.75
C LEU A 161 -30.49 2.23 -10.15
N GLN A 162 -29.87 3.32 -10.61
CA GLN A 162 -28.57 3.71 -10.07
C GLN A 162 -28.65 5.07 -9.39
N ILE A 163 -27.96 5.17 -8.26
CA ILE A 163 -28.10 6.25 -7.30
C ILE A 163 -26.68 6.74 -7.02
N GLN A 164 -26.43 8.03 -7.27
CA GLN A 164 -25.10 8.62 -7.10
C GLN A 164 -25.20 9.88 -6.26
N GLY A 165 -24.26 10.02 -5.35
CA GLY A 165 -24.18 11.24 -4.57
C GLY A 165 -23.54 10.97 -3.23
N ARG A 166 -23.47 12.00 -2.43
CA ARG A 166 -23.01 11.79 -1.08
C ARG A 166 -24.13 11.19 -0.24
N PRO A 167 -23.85 10.24 0.60
CA PRO A 167 -24.92 9.62 1.38
C PRO A 167 -25.42 10.50 2.51
N LEU A 168 -26.07 11.63 2.21
CA LEU A 168 -26.32 12.62 3.25
C LEU A 168 -27.80 12.76 3.62
N SER A 169 -28.64 13.40 2.80
CA SER A 169 -30.01 13.64 3.27
C SER A 169 -31.05 13.03 2.34
N CYS A 170 -30.98 13.37 1.06
CA CYS A 170 -31.88 12.78 0.11
C CYS A 170 -31.52 11.33 -0.15
N TYR A 171 -30.22 11.03 -0.14
CA TYR A 171 -29.79 9.63 -0.15
C TYR A 171 -30.58 8.94 0.97
N ARG A 172 -30.38 9.36 2.21
CA ARG A 172 -30.92 8.59 3.32
C ARG A 172 -32.43 8.41 3.18
N VAL A 173 -33.15 9.50 2.87
CA VAL A 173 -34.61 9.43 2.84
C VAL A 173 -35.09 8.54 1.70
N PHE A 174 -34.45 8.63 0.53
CA PHE A 174 -34.88 7.85 -0.63
C PHE A 174 -34.52 6.39 -0.47
N THR A 175 -33.27 6.10 -0.13
CA THR A 175 -32.83 4.73 0.14
C THR A 175 -33.80 4.04 1.10
N PHE A 176 -34.11 4.68 2.23
CA PHE A 176 -34.97 4.01 3.22
C PHE A 176 -36.43 3.93 2.75
N ASN A 177 -36.91 4.94 2.01
CA ASN A 177 -38.27 4.88 1.50
C ASN A 177 -38.42 3.80 0.45
N LEU A 178 -37.41 3.67 -0.40
CA LEU A 178 -37.42 2.65 -1.43
C LEU A 178 -37.38 1.25 -0.83
N ALA A 179 -36.61 1.09 0.26
CA ALA A 179 -36.60 -0.15 1.02
C ALA A 179 -37.95 -0.43 1.68
N ALA A 180 -38.58 0.61 2.22
CA ALA A 180 -39.81 0.45 2.97
C ALA A 180 -41.02 0.18 2.08
N LEU A 181 -40.98 0.54 0.80
CA LEU A 181 -42.11 0.23 -0.08
C LEU A 181 -41.91 -1.03 -0.93
N LEU A 182 -40.71 -1.33 -1.42
CA LEU A 182 -40.52 -2.44 -2.34
C LEU A 182 -39.86 -3.65 -1.69
N ASP A 183 -40.02 -3.79 -0.36
CA ASP A 183 -39.52 -4.93 0.41
C ASP A 183 -38.04 -5.19 0.13
N LEU A 184 -37.23 -4.17 0.40
CA LEU A 184 -35.78 -4.29 0.26
C LEU A 184 -35.16 -4.08 1.64
N GLN A 185 -35.10 -5.15 2.43
CA GLN A 185 -34.91 -4.95 3.85
C GLN A 185 -33.42 -4.82 4.21
N GLY A 186 -32.51 -5.32 3.39
CA GLY A 186 -31.10 -5.30 3.75
C GLY A 186 -30.28 -4.18 3.11
N LEU A 187 -30.91 -3.36 2.28
CA LEU A 187 -30.16 -2.31 1.59
C LEU A 187 -29.35 -1.46 2.56
N GLU A 188 -29.88 -1.22 3.75
CA GLU A 188 -29.17 -0.49 4.78
C GLU A 188 -27.96 -1.25 5.30
N LYS A 189 -27.82 -2.53 4.94
CA LYS A 189 -26.75 -3.36 5.48
C LYS A 189 -25.69 -3.76 4.46
N VAL A 190 -25.94 -3.57 3.16
CA VAL A 190 -24.93 -3.89 2.16
C VAL A 190 -24.05 -2.66 1.91
N LEU A 191 -22.75 -2.80 2.19
CA LEU A 191 -21.71 -1.79 2.10
C LEU A 191 -21.07 -1.77 0.73
N ILE A 192 -20.51 -2.90 0.31
CA ILE A 192 -19.80 -3.05 -0.94
C ILE A 192 -20.40 -4.20 -1.71
N ARG A 193 -20.58 -4.01 -3.02
CA ARG A 193 -20.75 -5.14 -3.93
C ARG A 193 -20.16 -4.73 -5.27
N GLN A 194 -19.08 -5.40 -5.67
CA GLN A 194 -18.44 -5.11 -6.96
C GLN A 194 -17.72 -6.37 -7.45
N GLU A 195 -17.01 -6.24 -8.57
CA GLU A 195 -16.24 -7.35 -9.14
C GLU A 195 -15.12 -7.75 -8.18
N ASP A 196 -14.92 -9.07 -8.06
CA ASP A 196 -14.07 -9.59 -6.98
C ASP A 196 -12.58 -9.28 -7.21
N GLY A 197 -12.10 -9.38 -8.44
CA GLY A 197 -10.68 -9.15 -8.61
C GLY A 197 -10.22 -7.70 -8.61
N LYS A 198 -11.07 -6.73 -8.33
CA LYS A 198 -10.70 -5.32 -8.33
C LYS A 198 -10.41 -4.91 -6.90
N ALA A 199 -9.18 -4.47 -6.65
CA ALA A 199 -8.76 -4.06 -5.32
C ALA A 199 -8.80 -2.55 -5.19
N ASN A 200 -9.32 -2.06 -4.07
CA ASN A 200 -9.38 -0.62 -3.81
C ASN A 200 -8.51 -0.28 -2.62
N ILE A 201 -7.85 0.89 -2.67
CA ILE A 201 -7.08 1.35 -1.53
C ILE A 201 -8.02 1.55 -0.35
N VAL A 202 -7.67 0.94 0.79
CA VAL A 202 -8.52 1.05 1.97
C VAL A 202 -8.46 2.48 2.52
N GLN A 203 -9.58 2.94 3.11
CA GLN A 203 -9.65 4.31 3.63
C GLN A 203 -8.69 4.51 4.80
N GLN A 204 -8.15 5.74 4.89
CA GLN A 204 -7.17 6.09 5.92
C GLN A 204 -7.66 5.75 7.32
N GLU A 205 -8.93 6.08 7.62
CA GLU A 205 -9.41 5.81 8.98
C GLU A 205 -9.51 4.31 9.24
N VAL A 206 -9.94 3.51 8.25
CA VAL A 206 -10.00 2.06 8.44
C VAL A 206 -8.61 1.49 8.74
N ALA A 207 -7.66 1.85 7.90
CA ALA A 207 -6.26 1.48 8.13
C ALA A 207 -5.77 1.97 9.51
N ARG A 208 -6.15 3.20 9.92
CA ARG A 208 -5.64 3.73 11.17
C ARG A 208 -6.18 2.93 12.35
N THR A 209 -7.47 2.59 12.31
CA THR A 209 -8.09 1.73 13.30
C THR A 209 -7.36 0.38 13.41
N TYR A 210 -6.96 -0.18 12.27
CA TYR A 210 -6.20 -1.44 12.31
C TYR A 210 -4.84 -1.22 12.97
N LEU A 211 -4.17 -0.12 12.61
CA LEU A 211 -2.90 0.21 13.26
C LEU A 211 -3.09 0.33 14.77
N GLN A 212 -4.21 0.91 15.22
CA GLN A 212 -4.45 1.07 16.65
C GLN A 212 -4.59 -0.29 17.32
N THR A 213 -5.34 -1.18 16.66
CA THR A 213 -5.59 -2.55 17.19
C THR A 213 -4.28 -3.34 17.16
N VAL A 214 -3.30 -2.88 16.38
CA VAL A 214 -1.97 -3.57 16.28
C VAL A 214 -1.02 -2.95 17.30
N MET A 215 -1.05 -1.63 17.45
CA MET A 215 -0.17 -0.92 18.42
C MET A 215 -0.75 -1.06 19.83
N ALA A 216 -2.07 -1.23 19.93
CA ALA A 216 -2.76 -1.38 21.23
C ALA A 216 -2.33 -0.25 22.17
N ASP A 217 -1.52 -0.57 23.19
CA ASP A 217 -1.05 0.44 24.17
C ASP A 217 0.08 1.27 23.55
N ALA A 218 0.78 0.71 22.56
CA ALA A 218 1.90 1.42 21.89
C ALA A 218 1.35 2.35 20.80
N TYR A 219 0.05 2.64 20.84
CA TYR A 219 -0.57 3.52 19.85
C TYR A 219 -0.61 4.99 20.26
N PRO A 220 -0.96 5.37 21.49
CA PRO A 220 -0.89 6.78 21.88
C PRO A 220 0.50 7.39 21.76
N HIS A 221 1.55 6.58 21.60
CA HIS A 221 2.93 7.03 21.64
C HIS A 221 3.55 7.20 20.26
N LEU A 222 2.87 6.74 19.21
CA LEU A 222 3.40 6.85 17.87
C LEU A 222 3.71 8.30 17.55
N HIS A 223 4.94 8.53 17.09
CA HIS A 223 5.30 9.74 16.37
C HIS A 223 4.43 9.91 15.12
N VAL A 224 4.07 11.17 14.83
CA VAL A 224 3.11 11.45 13.77
C VAL A 224 3.64 11.05 12.38
N THR A 225 4.94 11.26 12.12
CA THR A 225 5.51 10.80 10.85
C THR A 225 5.49 9.28 10.78
N ALA A 226 5.81 8.60 11.88
CA ALA A 226 5.76 7.13 11.88
C ALA A 226 4.32 6.63 11.63
N GLU A 227 3.32 7.23 12.29
CA GLU A 227 1.94 6.89 11.99
C GLU A 227 1.58 7.15 10.52
N LYS A 228 2.01 8.28 9.94
CA LYS A 228 1.61 8.51 8.55
C LYS A 228 2.21 7.45 7.63
N LEU A 229 3.47 7.09 7.85
CA LEU A 229 4.08 5.99 7.11
C LEU A 229 3.31 4.68 7.29
N LEU A 230 3.08 4.25 8.53
CA LEU A 230 2.50 2.91 8.73
C LEU A 230 1.05 2.87 8.23
N VAL A 231 0.31 3.98 8.40
CA VAL A 231 -1.06 4.03 7.89
C VAL A 231 -1.06 4.01 6.37
N SER A 232 -0.13 4.73 5.70
CA SER A 232 -0.08 4.66 4.23
C SER A 232 0.17 3.24 3.77
N GLY A 233 1.16 2.59 4.38
CA GLY A 233 1.44 1.20 4.05
C GLY A 233 0.21 0.34 4.21
N LEU A 234 -0.56 0.54 5.30
CA LEU A 234 -1.75 -0.30 5.50
C LEU A 234 -2.81 -0.01 4.46
N CYS A 235 -3.00 1.28 4.10
CA CYS A 235 -3.97 1.64 3.09
C CYS A 235 -3.78 0.78 1.83
N VAL A 236 -2.53 0.41 1.52
CA VAL A 236 -2.27 -0.52 0.42
C VAL A 236 -2.31 -2.00 0.86
N LYS A 237 -1.58 -2.40 1.93
CA LYS A 237 -1.60 -3.77 2.43
C LYS A 237 -3.02 -4.33 2.56
N LEU A 238 -3.95 -3.56 3.17
CA LEU A 238 -5.29 -4.11 3.38
C LEU A 238 -6.11 -4.18 2.10
N ALA A 239 -5.62 -3.69 0.97
CA ALA A 239 -6.35 -3.90 -0.27
C ALA A 239 -6.07 -5.28 -0.88
N ALA A 240 -5.12 -6.01 -0.32
CA ALA A 240 -4.57 -7.22 -0.93
C ALA A 240 -4.47 -7.11 -2.42
N PRO A 241 -3.72 -6.23 -2.99
CA PRO A 241 -3.65 -6.07 -4.44
C PRO A 241 -2.85 -7.18 -5.11
N ASP A 242 -3.16 -7.43 -6.39
CA ASP A 242 -2.39 -8.46 -7.08
C ASP A 242 -1.22 -7.77 -7.74
N LEU A 243 -0.03 -7.94 -7.15
CA LEU A 243 1.15 -7.25 -7.64
C LEU A 243 2.25 -8.25 -8.00
N PRO A 244 3.11 -7.90 -8.98
CA PRO A 244 4.28 -8.75 -9.25
C PRO A 244 5.29 -8.79 -8.09
N ASP A 245 5.29 -7.79 -7.20
CA ASP A 245 6.25 -7.75 -6.10
C ASP A 245 5.68 -6.90 -4.96
N TYR A 246 6.07 -7.25 -3.73
CA TYR A 246 5.52 -6.62 -2.53
C TYR A 246 6.55 -6.00 -1.59
N CYS A 247 7.84 -5.90 -1.96
CA CYS A 247 8.82 -5.19 -1.14
C CYS A 247 8.37 -3.76 -0.78
N MET A 248 7.80 -3.07 -1.77
CA MET A 248 7.28 -1.74 -1.52
C MET A 248 6.40 -1.72 -0.26
N LEU A 249 5.64 -2.80 -0.03
CA LEU A 249 4.72 -2.81 1.11
C LEU A 249 5.44 -2.94 2.44
N LEU A 250 6.69 -3.37 2.44
CA LEU A 250 7.45 -3.42 3.66
C LEU A 250 8.28 -2.16 3.90
N TYR A 251 8.44 -1.29 2.90
CA TYR A 251 9.16 -0.03 3.10
C TYR A 251 8.71 0.77 4.35
N PRO A 252 7.41 1.02 4.59
CA PRO A 252 7.03 1.80 5.80
C PRO A 252 7.52 1.20 7.11
N GLU A 253 7.43 -0.13 7.26
CA GLU A 253 7.87 -0.79 8.50
C GLU A 253 9.36 -0.59 8.73
N LEU A 254 10.20 -0.83 7.70
CA LEU A 254 11.65 -0.69 7.89
C LEU A 254 12.04 0.75 8.20
N ARG A 255 11.48 1.70 7.48
CA ARG A 255 11.79 3.10 7.75
C ARG A 255 11.39 3.50 9.16
N THR A 256 10.14 3.15 9.55
CA THR A 256 9.67 3.43 10.90
C THR A 256 10.60 2.81 11.95
N ILE A 257 10.99 1.55 11.78
CA ILE A 257 11.90 0.94 12.75
C ILE A 257 13.14 1.79 12.91
N GLU A 258 13.72 2.29 11.81
CA GLU A 258 14.95 3.09 11.97
C GLU A 258 14.70 4.32 12.83
N GLY A 259 13.62 5.04 12.55
CA GLY A 259 13.36 6.26 13.32
C GLY A 259 13.10 5.96 14.79
N VAL A 260 12.21 5.00 15.08
CA VAL A 260 11.86 4.66 16.46
C VAL A 260 13.08 4.16 17.22
N LEU A 261 13.86 3.24 16.61
CA LEU A 261 15.09 2.78 17.26
C LEU A 261 16.01 3.95 17.56
N LYS A 262 16.25 4.84 16.57
CA LYS A 262 17.12 5.99 16.82
C LYS A 262 16.61 6.87 17.98
N SER A 263 15.29 7.13 18.02
CA SER A 263 14.72 7.90 19.11
C SER A 263 14.97 7.21 20.48
N LYS A 264 14.70 5.90 20.59
CA LYS A 264 14.88 5.20 21.87
C LYS A 264 16.33 5.23 22.29
N MET A 265 17.26 4.94 21.36
CA MET A 265 18.67 4.93 21.71
C MET A 265 19.12 6.30 22.19
N SER A 266 18.60 7.38 21.56
CA SER A 266 18.94 8.72 22.04
C SER A 266 18.43 8.94 23.45
N GLY A 267 17.19 8.54 23.71
CA GLY A 267 16.62 8.65 25.04
C GLY A 267 17.36 7.83 26.09
N LEU A 268 18.16 6.84 25.67
CA LEU A 268 18.98 6.06 26.58
C LEU A 268 20.44 6.44 26.47
N GLY A 269 20.74 7.67 26.10
CA GLY A 269 22.16 8.06 26.16
C GLY A 269 23.03 7.51 25.05
N MET A 270 22.40 7.01 23.97
CA MET A 270 23.15 6.46 22.81
C MET A 270 22.72 7.20 21.54
N PRO A 271 23.12 8.49 21.35
CA PRO A 271 22.73 9.26 20.17
C PRO A 271 23.31 8.65 18.88
N VAL A 272 22.46 8.37 17.89
CA VAL A 272 22.90 7.79 16.60
C VAL A 272 23.05 8.92 15.56
N GLN A 273 24.28 9.31 15.27
CA GLN A 273 24.55 10.40 14.28
C GLN A 273 24.73 9.80 12.89
N GLN A 274 25.07 10.64 11.90
CA GLN A 274 25.26 10.18 10.49
C GLN A 274 26.73 9.81 10.28
N PRO A 275 27.70 10.54 10.89
CA PRO A 275 29.12 10.23 10.72
C PRO A 275 29.50 8.90 11.37
N ALA A 276 28.84 8.56 12.48
CA ALA A 276 29.12 7.28 13.20
C ALA A 276 28.22 6.17 12.63
N GLY A 277 26.94 6.18 12.99
CA GLY A 277 25.98 5.17 12.51
C GLY A 277 25.59 4.19 13.61
N PHE A 278 25.27 2.95 13.24
CA PHE A 278 24.87 1.91 14.22
C PHE A 278 26.03 0.92 14.41
N GLY A 279 27.15 1.17 13.73
CA GLY A 279 28.35 0.30 13.83
C GLY A 279 29.23 0.69 15.00
N THR A 280 28.90 1.79 15.68
CA THR A 280 29.69 2.27 16.84
C THR A 280 28.89 2.08 18.13
N TYR A 281 27.81 1.29 18.06
CA TYR A 281 26.95 1.02 19.24
C TYR A 281 26.52 -0.45 19.24
N PHE A 282 26.94 -1.19 18.20
CA PHE A 282 26.61 -2.59 18.08
C PHE A 282 27.82 -3.44 17.66
N ASP A 283 27.78 -4.72 18.02
CA ASP A 283 28.67 -5.77 17.55
C ASP A 283 27.84 -6.84 16.85
N LYS A 284 28.51 -7.74 16.11
CA LYS A 284 27.86 -8.92 15.54
C LYS A 284 28.71 -10.16 15.80
N PRO A 285 28.44 -10.90 16.92
CA PRO A 285 29.28 -12.07 17.24
C PRO A 285 29.22 -13.17 16.18
N ALA A 286 28.03 -13.75 15.93
CA ALA A 286 27.80 -14.47 14.68
C ALA A 286 26.62 -13.91 13.90
N ALA A 287 25.39 -14.02 14.41
CA ALA A 287 24.21 -13.87 13.58
C ALA A 287 23.19 -12.90 14.14
N HIS A 288 23.28 -12.56 15.41
CA HIS A 288 22.57 -11.43 15.98
C HIS A 288 23.55 -10.27 16.12
N TYR A 289 23.03 -9.06 16.08
CA TYR A 289 23.80 -7.92 16.51
C TYR A 289 23.54 -7.71 17.99
N ILE A 290 24.58 -7.28 18.70
CA ILE A 290 24.46 -7.09 20.15
C ILE A 290 25.13 -5.78 20.53
N LEU A 291 24.55 -5.13 21.55
CA LEU A 291 25.09 -3.89 22.10
C LEU A 291 26.51 -4.13 22.61
N LYS A 292 27.35 -3.11 22.47
CA LYS A 292 28.70 -3.17 22.99
C LYS A 292 28.67 -3.15 24.52
N PRO A 293 29.61 -3.86 25.18
CA PRO A 293 29.53 -4.00 26.65
C PRO A 293 29.46 -2.70 27.43
N GLN A 294 30.16 -1.63 27.02
CA GLN A 294 30.04 -0.37 27.78
C GLN A 294 28.61 0.18 27.73
N PHE A 295 27.83 -0.14 26.70
CA PHE A 295 26.44 0.34 26.72
C PHE A 295 25.50 -0.65 27.39
N ALA A 296 25.72 -1.95 27.21
CA ALA A 296 24.85 -2.90 27.86
C ALA A 296 24.99 -2.82 29.39
N ALA A 297 26.17 -2.47 29.91
CA ALA A 297 26.40 -2.48 31.35
C ALA A 297 25.47 -1.56 32.14
N THR A 298 24.93 -0.54 31.49
CA THR A 298 24.05 0.46 32.04
C THR A 298 22.56 0.18 31.77
N LEU A 299 22.19 -0.85 31.00
CA LEU A 299 20.80 -1.09 30.68
C LEU A 299 20.34 -2.42 31.28
N ARG A 300 19.00 -2.65 31.35
CA ARG A 300 18.63 -3.96 31.85
C ARG A 300 18.38 -4.95 30.72
N PRO A 301 18.35 -6.27 31.00
CA PRO A 301 18.19 -7.24 29.89
C PRO A 301 17.10 -6.87 28.90
N GLU A 302 15.91 -6.48 29.36
CA GLU A 302 14.78 -6.19 28.49
C GLU A 302 15.12 -5.11 27.45
N GLN A 303 15.66 -4.00 27.91
CA GLN A 303 16.07 -2.94 27.01
C GLN A 303 17.10 -3.44 26.01
N ILE A 304 18.06 -4.24 26.46
CA ILE A 304 19.11 -4.69 25.55
C ILE A 304 18.53 -5.61 24.51
N ASN A 305 17.61 -6.47 24.97
CA ASN A 305 16.92 -7.48 24.12
C ASN A 305 16.05 -6.79 23.07
N ILE A 306 15.41 -5.65 23.39
CA ILE A 306 14.57 -5.03 22.36
C ILE A 306 15.40 -4.17 21.42
N ILE A 307 16.39 -3.45 21.94
CA ILE A 307 17.24 -2.68 21.03
C ILE A 307 18.00 -3.61 20.07
N SER A 308 18.51 -4.75 20.56
CA SER A 308 19.27 -5.63 19.67
C SER A 308 18.35 -6.34 18.70
N THR A 309 17.18 -6.79 19.16
CA THR A 309 16.25 -7.45 18.26
C THR A 309 15.81 -6.49 17.15
N ALA A 310 15.56 -5.22 17.49
CA ALA A 310 15.16 -4.24 16.48
C ALA A 310 16.28 -4.01 15.51
N TYR A 311 17.48 -3.73 16.02
CA TYR A 311 18.58 -3.44 15.12
C TYR A 311 18.92 -4.64 14.23
N THR A 312 18.86 -5.86 14.77
CA THR A 312 19.09 -7.05 13.94
C THR A 312 18.03 -7.18 12.84
N PHE A 313 16.74 -7.07 13.20
CA PHE A 313 15.70 -7.23 12.18
C PHE A 313 15.87 -6.18 11.09
N PHE A 314 16.00 -4.92 11.51
CA PHE A 314 16.14 -3.76 10.60
C PHE A 314 17.33 -3.96 9.65
N ASN A 315 18.46 -4.44 10.19
CA ASN A 315 19.69 -4.64 9.37
C ASN A 315 19.52 -5.87 8.47
N VAL A 316 19.06 -6.99 9.02
CA VAL A 316 18.88 -8.22 8.25
C VAL A 316 17.94 -7.98 7.07
N GLU A 317 16.78 -7.33 7.30
CA GLU A 317 15.78 -7.14 6.23
C GLU A 317 16.16 -6.03 5.24
N ARG A 318 16.62 -4.88 5.74
CA ARG A 318 17.02 -3.74 4.94
C ARG A 318 18.14 -4.10 3.97
N HIS A 319 19.01 -5.05 4.36
CA HIS A 319 20.24 -5.32 3.64
C HIS A 319 20.03 -5.60 2.17
N SER A 320 19.00 -6.37 1.84
CA SER A 320 18.62 -6.48 0.45
C SER A 320 17.31 -5.77 0.10
N LEU A 321 16.37 -5.59 1.03
CA LEU A 321 15.15 -4.92 0.54
C LEU A 321 15.38 -3.44 0.18
N PHE A 322 16.35 -2.76 0.78
CA PHE A 322 16.60 -1.37 0.42
C PHE A 322 17.76 -1.18 -0.55
N HIS A 323 18.22 -2.25 -1.22
CA HIS A 323 19.40 -2.22 -2.08
C HIS A 323 19.14 -3.13 -3.27
N MET A 324 20.15 -3.30 -4.13
CA MET A 324 20.07 -4.23 -5.24
C MET A 324 21.48 -4.72 -5.54
N GLU A 325 21.57 -5.92 -6.08
CA GLU A 325 22.85 -6.47 -6.45
C GLU A 325 23.29 -5.94 -7.81
N THR A 326 24.60 -5.89 -8.04
CA THR A 326 25.12 -5.66 -9.37
C THR A 326 24.60 -6.72 -10.33
N VAL A 327 24.66 -7.98 -9.94
CA VAL A 327 23.86 -9.00 -10.63
C VAL A 327 22.42 -8.66 -10.28
N VAL A 328 21.77 -7.81 -11.09
CA VAL A 328 20.48 -7.20 -10.71
C VAL A 328 19.40 -8.26 -10.46
N ASP A 329 19.32 -9.27 -11.32
CA ASP A 329 18.27 -10.27 -11.18
C ASP A 329 18.43 -11.17 -9.95
N ALA A 330 19.55 -11.08 -9.25
CA ALA A 330 19.68 -11.84 -8.01
C ALA A 330 19.25 -11.04 -6.78
N SER A 331 18.75 -9.82 -6.95
CA SER A 331 18.25 -9.00 -5.84
C SER A 331 16.99 -9.58 -5.19
N ARG A 332 16.84 -9.31 -3.89
CA ARG A 332 15.80 -9.93 -3.10
C ARG A 332 14.46 -9.34 -3.49
N MET A 333 13.49 -10.22 -3.74
CA MET A 333 12.10 -9.88 -4.04
C MET A 333 11.20 -10.60 -3.04
N ILE A 334 9.95 -10.13 -2.94
CA ILE A 334 8.89 -10.83 -2.24
C ILE A 334 7.66 -10.93 -3.15
N SER A 335 7.37 -12.12 -3.66
CA SER A 335 6.26 -12.29 -4.58
C SER A 335 4.98 -12.84 -3.93
N ASP A 336 4.92 -12.91 -2.60
CA ASP A 336 3.82 -13.57 -1.91
C ASP A 336 3.31 -12.65 -0.81
N MET A 337 2.00 -12.37 -0.79
CA MET A 337 1.45 -11.42 0.17
C MET A 337 1.51 -11.96 1.60
N ALA A 338 1.31 -13.28 1.78
CA ALA A 338 1.38 -13.85 3.12
C ALA A 338 2.75 -13.62 3.76
N ARG A 339 3.81 -13.86 2.97
CA ARG A 339 5.20 -13.68 3.44
C ARG A 339 5.37 -12.23 3.89
N LEU A 340 5.02 -11.30 3.01
CA LEU A 340 5.06 -9.87 3.30
C LEU A 340 4.40 -9.58 4.64
N MET A 341 3.20 -10.10 4.85
CA MET A 341 2.46 -9.77 6.06
C MET A 341 3.10 -10.39 7.28
N GLY A 342 3.69 -11.57 7.14
CA GLY A 342 4.51 -12.11 8.23
C GLY A 342 5.58 -11.13 8.66
N LYS A 343 6.36 -10.65 7.69
CA LYS A 343 7.45 -9.75 8.01
C LYS A 343 6.91 -8.48 8.63
N ALA A 344 5.78 -8.01 8.14
CA ALA A 344 5.19 -6.77 8.66
C ALA A 344 4.68 -6.96 10.09
N THR A 345 4.02 -8.08 10.40
CA THR A 345 3.53 -8.23 11.76
C THR A 345 4.72 -8.35 12.73
N ARG A 346 5.80 -9.00 12.30
CA ARG A 346 7.02 -8.98 13.11
C ARG A 346 7.45 -7.55 13.35
N ALA A 347 7.58 -6.78 12.26
CA ALA A 347 8.03 -5.40 12.38
C ALA A 347 7.14 -4.62 13.34
N TRP A 348 5.82 -4.86 13.30
CA TRP A 348 4.90 -4.17 14.19
C TRP A 348 5.15 -4.54 15.66
N GLY A 349 5.37 -5.81 15.96
CA GLY A 349 5.70 -6.15 17.33
C GLY A 349 7.00 -5.51 17.79
N ILE A 350 7.99 -5.45 16.91
CA ILE A 350 9.22 -4.76 17.27
C ILE A 350 8.95 -3.28 17.56
N ILE A 351 8.13 -2.61 16.72
CA ILE A 351 7.84 -1.18 16.92
C ILE A 351 7.08 -0.95 18.23
N LYS A 352 6.02 -1.74 18.45
CA LYS A 352 5.28 -1.71 19.72
C LYS A 352 6.22 -1.84 20.92
N ASP A 353 7.13 -2.82 20.88
CA ASP A 353 7.99 -3.02 22.06
C ASP A 353 8.98 -1.87 22.21
N LEU A 354 9.50 -1.35 21.10
CA LEU A 354 10.39 -0.20 21.15
C LEU A 354 9.75 0.98 21.90
N TYR A 355 8.44 1.21 21.72
CA TYR A 355 7.77 2.31 22.40
C TYR A 355 7.43 1.97 23.84
N ILE A 356 7.02 0.72 24.06
CA ILE A 356 6.43 0.25 25.31
C ILE A 356 7.51 -0.20 26.32
N VAL A 357 8.58 -0.84 25.88
CA VAL A 357 9.60 -1.37 26.80
C VAL A 357 10.55 -0.31 27.36
N ARG B 4 -17.70 -12.17 -29.01
CA ARG B 4 -18.00 -12.61 -27.65
C ARG B 4 -17.05 -13.73 -27.25
N SER B 5 -16.95 -13.97 -25.94
CA SER B 5 -16.10 -15.03 -25.38
C SER B 5 -16.98 -16.04 -24.64
N TYR B 6 -16.83 -17.31 -24.99
CA TYR B 6 -17.72 -18.39 -24.58
C TYR B 6 -17.07 -19.33 -23.58
N LYS B 7 -16.05 -18.86 -22.86
CA LYS B 7 -15.26 -19.68 -21.97
C LYS B 7 -15.53 -19.26 -20.52
N ASN B 8 -15.60 -20.25 -19.63
CA ASN B 8 -15.88 -20.04 -18.20
C ASN B 8 -17.17 -19.24 -17.99
N LEU B 9 -18.26 -19.75 -18.58
CA LEU B 9 -19.56 -19.14 -18.39
C LEU B 9 -20.17 -19.56 -17.06
N ASN B 10 -20.80 -18.59 -16.36
CA ASN B 10 -21.40 -18.87 -15.06
C ASN B 10 -22.84 -19.38 -15.22
N LEU B 11 -22.94 -20.49 -15.95
CA LEU B 11 -24.21 -21.20 -16.15
C LEU B 11 -24.56 -22.00 -14.90
N VAL B 12 -25.87 -22.13 -14.64
CA VAL B 12 -26.32 -22.84 -13.44
C VAL B 12 -26.02 -24.34 -13.60
N ARG B 13 -25.54 -24.96 -12.50
CA ARG B 13 -25.03 -26.33 -12.58
C ARG B 13 -26.13 -27.31 -13.01
N ALA B 14 -27.26 -27.31 -12.30
CA ALA B 14 -28.45 -28.01 -12.73
C ALA B 14 -29.11 -27.18 -13.84
N ASN B 15 -30.32 -27.56 -14.27
CA ASN B 15 -31.08 -26.82 -15.30
C ASN B 15 -30.30 -26.72 -16.64
N ILE B 16 -29.30 -27.56 -16.87
CA ILE B 16 -28.64 -27.48 -18.18
C ILE B 16 -29.13 -28.58 -19.12
N GLU B 17 -29.62 -29.69 -18.59
CA GLU B 17 -30.27 -30.68 -19.44
C GLU B 17 -31.51 -30.10 -20.10
N THR B 18 -32.41 -29.53 -19.30
CA THR B 18 -33.59 -28.89 -19.86
C THR B 18 -33.27 -27.55 -20.53
N GLU B 19 -32.02 -27.11 -20.54
CA GLU B 19 -31.69 -25.78 -21.04
C GLU B 19 -31.88 -25.68 -22.56
N SER B 20 -31.78 -26.79 -23.28
CA SER B 20 -31.93 -26.80 -24.74
C SER B 20 -33.13 -27.68 -25.09
N ARG B 21 -34.31 -27.09 -24.96
CA ARG B 21 -35.53 -27.78 -25.37
C ARG B 21 -36.56 -26.84 -25.98
N GLN B 22 -36.23 -25.56 -26.16
CA GLN B 22 -37.17 -24.57 -26.67
C GLN B 22 -36.91 -24.18 -28.12
N PHE B 23 -35.96 -24.82 -28.81
CA PHE B 23 -35.71 -24.42 -30.19
C PHE B 23 -36.50 -25.28 -31.17
N ILE B 24 -36.20 -26.57 -31.22
CA ILE B 24 -36.95 -27.55 -31.99
C ILE B 24 -37.31 -28.79 -31.16
N GLU B 25 -36.82 -28.89 -29.92
CA GLU B 25 -37.35 -29.84 -28.95
C GLU B 25 -38.59 -29.23 -28.30
N GLN B 32 -33.85 -33.86 -31.72
CA GLN B 32 -33.65 -33.85 -30.28
C GLN B 32 -33.02 -35.15 -29.79
N SER B 33 -31.73 -35.10 -29.43
CA SER B 33 -31.05 -36.23 -28.78
C SER B 33 -30.01 -35.71 -27.82
N ILE B 34 -30.05 -36.17 -26.56
CA ILE B 34 -29.21 -35.66 -25.49
C ILE B 34 -28.16 -36.71 -25.09
N GLY B 35 -27.28 -36.31 -24.18
CA GLY B 35 -26.25 -37.19 -23.67
C GLY B 35 -25.05 -36.43 -23.12
N PRO B 36 -24.22 -37.10 -22.32
CA PRO B 36 -23.01 -36.46 -21.78
C PRO B 36 -21.91 -36.41 -22.84
N MET B 37 -20.79 -35.77 -22.47
CA MET B 37 -19.71 -35.56 -23.44
C MET B 37 -18.94 -36.86 -23.65
N PRO B 38 -18.60 -37.19 -24.90
CA PRO B 38 -17.93 -38.46 -25.19
C PRO B 38 -16.54 -38.52 -24.58
N GLY B 39 -16.31 -39.57 -23.80
CA GLY B 39 -15.00 -39.83 -23.24
C GLY B 39 -14.68 -38.96 -22.04
N SER B 40 -13.38 -38.92 -21.73
CA SER B 40 -12.93 -38.25 -20.52
C SER B 40 -13.05 -36.73 -20.68
N ARG B 41 -14.29 -36.23 -20.80
CA ARG B 41 -14.54 -34.82 -21.04
C ARG B 41 -15.26 -34.11 -19.90
N ALA B 42 -16.01 -34.86 -19.09
CA ALA B 42 -16.70 -34.32 -17.92
C ALA B 42 -17.55 -33.10 -18.30
N GLY B 43 -18.55 -33.36 -19.15
CA GLY B 43 -19.39 -32.31 -19.66
C GLY B 43 -20.62 -32.85 -20.36
N LEU B 44 -20.98 -32.25 -21.48
CA LEU B 44 -22.03 -32.75 -22.34
C LEU B 44 -21.67 -32.39 -23.77
N ARG B 45 -22.11 -33.22 -24.71
CA ARG B 45 -21.97 -32.92 -26.15
C ARG B 45 -23.25 -33.41 -26.82
N VAL B 46 -24.05 -32.48 -27.31
CA VAL B 46 -25.40 -32.77 -27.79
C VAL B 46 -25.44 -32.67 -29.31
N VAL B 47 -26.07 -33.66 -29.94
CA VAL B 47 -26.36 -33.66 -31.37
C VAL B 47 -27.87 -33.54 -31.55
N PHE B 48 -28.29 -32.71 -32.49
CA PHE B 48 -29.70 -32.51 -32.77
C PHE B 48 -29.89 -32.17 -34.25
N THR B 49 -31.12 -32.33 -34.70
CA THR B 49 -31.43 -32.14 -36.11
C THR B 49 -31.55 -30.63 -36.38
N ARG B 50 -30.76 -30.16 -37.34
CA ARG B 50 -30.83 -28.77 -37.78
C ARG B 50 -32.00 -28.58 -38.72
N PRO B 51 -32.54 -27.33 -38.84
CA PRO B 51 -33.76 -27.13 -39.65
C PRO B 51 -33.55 -27.42 -41.14
N GLY B 52 -34.09 -28.55 -41.61
CA GLY B 52 -33.95 -28.96 -43.00
C GLY B 52 -32.55 -29.31 -43.43
N VAL B 53 -31.65 -29.61 -42.49
CA VAL B 53 -30.22 -29.75 -42.74
C VAL B 53 -29.73 -31.07 -42.13
N ASN B 54 -28.43 -31.28 -42.21
CA ASN B 54 -27.78 -32.42 -41.56
C ASN B 54 -27.68 -32.17 -40.06
N LEU B 55 -27.12 -33.16 -39.36
CA LEU B 55 -27.07 -33.13 -37.91
C LEU B 55 -26.02 -32.15 -37.42
N ALA B 56 -26.32 -31.45 -36.32
CA ALA B 56 -25.43 -30.44 -35.74
C ALA B 56 -25.09 -30.82 -34.31
N THR B 57 -23.83 -30.57 -33.89
CA THR B 57 -23.41 -30.90 -32.53
C THR B 57 -22.67 -29.75 -31.86
N VAL B 58 -22.95 -29.57 -30.56
CA VAL B 58 -22.33 -28.55 -29.72
C VAL B 58 -21.78 -29.24 -28.47
N ASP B 59 -20.51 -28.97 -28.15
CA ASP B 59 -19.83 -29.65 -27.05
C ASP B 59 -19.55 -28.62 -25.96
N ILE B 60 -20.28 -28.72 -24.86
CA ILE B 60 -20.15 -27.81 -23.74
C ILE B 60 -19.64 -28.63 -22.55
N PHE B 61 -18.40 -28.34 -22.13
CA PHE B 61 -17.72 -29.10 -21.09
C PHE B 61 -17.71 -28.34 -19.78
N TYR B 62 -17.83 -29.07 -18.64
CA TYR B 62 -17.88 -28.44 -17.33
C TYR B 62 -16.52 -28.44 -16.63
N ASN B 63 -16.01 -27.24 -16.31
CA ASN B 63 -14.65 -27.02 -15.79
C ASN B 63 -14.56 -27.40 -14.32
N GLY B 64 -13.33 -27.30 -13.77
CA GLY B 64 -13.09 -27.74 -12.41
C GLY B 64 -13.92 -26.98 -11.39
N ASP B 65 -13.96 -25.66 -11.50
CA ASP B 65 -14.89 -24.88 -10.69
C ASP B 65 -16.27 -24.91 -11.36
N GLY B 66 -17.17 -24.05 -10.92
CA GLY B 66 -18.51 -24.07 -11.47
C GLY B 66 -18.70 -23.47 -12.85
N SER B 67 -17.66 -23.38 -13.66
CA SER B 67 -17.76 -22.71 -14.96
C SER B 67 -18.08 -23.73 -16.05
N THR B 68 -18.81 -23.28 -17.06
CA THR B 68 -19.02 -24.06 -18.25
C THR B 68 -18.27 -23.41 -19.42
N THR B 69 -17.80 -24.22 -20.36
CA THR B 69 -17.14 -23.72 -21.56
C THR B 69 -17.83 -24.28 -22.80
N ILE B 70 -18.18 -23.39 -23.73
CA ILE B 70 -18.94 -23.72 -24.93
C ILE B 70 -17.96 -23.93 -26.09
N GLN B 71 -18.17 -25.01 -26.85
CA GLN B 71 -17.43 -25.29 -28.06
C GLN B 71 -18.44 -25.53 -29.17
N TYR B 72 -18.42 -24.67 -30.17
CA TYR B 72 -19.22 -24.85 -31.37
C TYR B 72 -18.37 -25.07 -32.60
N LEU B 73 -17.06 -24.86 -32.49
CA LEU B 73 -16.12 -25.06 -33.60
C LEU B 73 -15.65 -26.52 -33.59
N THR B 74 -16.54 -27.41 -34.08
CA THR B 74 -16.30 -28.85 -34.04
C THR B 74 -16.42 -29.55 -35.38
N GLY B 75 -17.10 -28.97 -36.37
CA GLY B 75 -17.23 -29.57 -37.69
C GLY B 75 -18.53 -30.36 -37.84
N ALA B 76 -18.76 -30.79 -39.08
CA ALA B 76 -19.96 -31.55 -39.46
C ALA B 76 -21.24 -30.75 -39.17
N ASN B 77 -21.39 -29.67 -39.93
CA ASN B 77 -22.54 -28.75 -39.84
C ASN B 77 -22.67 -28.17 -38.43
N ARG B 78 -21.52 -27.86 -37.81
CA ARG B 78 -21.49 -27.49 -36.39
C ARG B 78 -21.86 -26.03 -36.15
N SER B 79 -21.94 -25.19 -37.19
CA SER B 79 -22.24 -23.78 -36.98
C SER B 79 -23.65 -23.57 -36.44
N LEU B 80 -24.53 -24.55 -36.59
CA LEU B 80 -25.79 -24.53 -35.86
C LEU B 80 -25.58 -24.64 -34.36
N GLY B 81 -24.39 -25.06 -33.92
CA GLY B 81 -24.04 -25.04 -32.52
C GLY B 81 -23.88 -23.66 -31.94
N GLN B 82 -23.69 -22.64 -32.80
CA GLN B 82 -23.73 -21.26 -32.34
C GLN B 82 -25.12 -20.87 -31.82
N GLU B 83 -26.17 -21.59 -32.19
CA GLU B 83 -27.49 -21.32 -31.63
C GLU B 83 -27.56 -21.70 -30.15
N LEU B 84 -27.16 -22.93 -29.82
CA LEU B 84 -27.06 -23.30 -28.41
C LEU B 84 -26.05 -22.43 -27.69
N ALA B 85 -24.95 -22.06 -28.38
CA ALA B 85 -23.95 -21.16 -27.79
C ALA B 85 -24.56 -19.80 -27.43
N ASP B 86 -25.43 -19.26 -28.29
CA ASP B 86 -25.97 -17.93 -28.03
C ASP B 86 -27.10 -17.92 -27.00
N HIS B 87 -27.89 -18.99 -26.92
CA HIS B 87 -28.84 -19.06 -25.81
C HIS B 87 -28.15 -19.31 -24.46
N LEU B 88 -27.02 -20.03 -24.48
CA LEU B 88 -26.18 -20.08 -23.28
C LEU B 88 -25.55 -18.72 -22.96
N PHE B 89 -25.28 -17.91 -23.98
CA PHE B 89 -24.88 -16.52 -23.76
C PHE B 89 -26.01 -15.74 -23.08
N GLU B 90 -27.25 -16.02 -23.49
CA GLU B 90 -28.43 -15.30 -23.06
C GLU B 90 -29.05 -15.83 -21.77
N THR B 91 -28.54 -16.96 -21.23
CA THR B 91 -29.18 -17.53 -20.03
C THR B 91 -28.78 -16.82 -18.74
N ILE B 92 -27.58 -16.26 -18.65
CA ILE B 92 -27.16 -15.62 -17.40
C ILE B 92 -27.12 -14.10 -17.58
N ASN B 93 -27.40 -13.41 -16.49
CA ASN B 93 -27.55 -11.95 -16.42
C ASN B 93 -26.31 -11.22 -16.93
N PRO B 94 -26.42 -10.40 -17.98
CA PRO B 94 -25.21 -9.83 -18.60
C PRO B 94 -24.51 -8.79 -17.75
N ALA B 95 -25.24 -8.11 -16.86
CA ALA B 95 -24.67 -7.06 -16.02
C ALA B 95 -24.04 -7.58 -14.73
N GLU B 96 -24.23 -8.86 -14.41
CA GLU B 96 -23.64 -9.47 -13.22
C GLU B 96 -22.15 -9.76 -13.45
N PHE B 97 -21.38 -9.69 -12.36
CA PHE B 97 -19.94 -9.86 -12.44
C PHE B 97 -19.57 -11.33 -12.58
N GLU B 98 -18.41 -11.58 -13.19
CA GLU B 98 -18.01 -12.98 -13.33
C GLU B 98 -17.60 -13.56 -11.99
N GLN B 99 -17.21 -12.72 -11.05
CA GLN B 99 -16.85 -13.13 -9.70
C GLN B 99 -17.20 -11.95 -8.81
N VAL B 100 -17.89 -12.23 -7.71
CA VAL B 100 -18.52 -11.22 -6.87
C VAL B 100 -17.74 -11.09 -5.58
N ASN B 101 -17.61 -9.85 -5.11
CA ASN B 101 -17.14 -9.55 -3.77
C ASN B 101 -18.16 -8.62 -3.15
N MET B 102 -18.82 -9.08 -2.08
CA MET B 102 -19.92 -8.33 -1.48
C MET B 102 -19.77 -8.37 0.03
N VAL B 103 -19.79 -7.19 0.66
CA VAL B 103 -19.53 -7.04 2.10
C VAL B 103 -20.77 -6.43 2.72
N LEU B 104 -21.19 -6.94 3.86
CA LEU B 104 -22.33 -6.42 4.58
C LEU B 104 -21.86 -6.09 5.99
N GLN B 105 -22.58 -5.19 6.68
CA GLN B 105 -22.19 -4.70 8.00
C GLN B 105 -23.17 -5.18 9.08
N GLY B 106 -22.62 -5.41 10.28
CA GLY B 106 -23.41 -5.74 11.45
C GLY B 106 -23.66 -7.22 11.71
N PHE B 107 -22.58 -8.01 11.73
CA PHE B 107 -22.66 -9.46 11.87
C PHE B 107 -21.60 -9.92 12.86
N VAL B 108 -21.99 -10.89 13.70
CA VAL B 108 -21.12 -11.51 14.68
C VAL B 108 -21.00 -12.99 14.33
N GLU B 109 -20.14 -13.69 15.07
CA GLU B 109 -19.95 -15.13 14.84
C GLU B 109 -21.21 -15.92 15.17
N THR B 110 -21.93 -15.51 16.24
CA THR B 110 -23.17 -16.16 16.63
C THR B 110 -24.27 -15.97 15.60
N SER B 111 -24.15 -14.98 14.73
CA SER B 111 -25.11 -14.76 13.66
C SER B 111 -24.71 -15.41 12.35
N VAL B 112 -23.42 -15.74 12.19
CA VAL B 112 -22.90 -16.26 10.92
C VAL B 112 -22.79 -17.78 10.92
N LEU B 113 -22.49 -18.39 12.07
CA LEU B 113 -22.39 -19.85 12.08
C LEU B 113 -23.72 -20.52 11.80
N PRO B 114 -24.85 -20.13 12.42
CA PRO B 114 -26.13 -20.77 12.07
C PRO B 114 -26.46 -20.71 10.58
N VAL B 115 -26.09 -19.63 9.88
CA VAL B 115 -26.33 -19.59 8.44
C VAL B 115 -25.52 -20.67 7.73
N LEU B 116 -24.23 -20.82 8.10
CA LEU B 116 -23.39 -21.84 7.50
C LEU B 116 -23.89 -23.26 7.78
N GLU B 117 -24.38 -23.53 8.99
CA GLU B 117 -24.87 -24.88 9.30
C GLU B 117 -26.34 -25.10 8.90
N LEU B 118 -27.08 -24.05 8.56
CA LEU B 118 -28.40 -24.18 7.97
C LEU B 118 -28.34 -24.21 6.46
N SER B 119 -27.17 -23.93 5.89
CA SER B 119 -26.98 -23.94 4.42
C SER B 119 -26.03 -25.09 4.03
N ALA B 120 -25.75 -25.99 4.97
CA ALA B 120 -24.85 -27.15 4.71
C ALA B 120 -25.63 -28.46 4.94
N ASP B 121 -26.96 -28.39 4.88
CA ASP B 121 -27.83 -29.58 5.08
C ASP B 121 -28.65 -29.82 3.81
N GLU B 122 -28.06 -29.56 2.63
CA GLU B 122 -28.76 -29.76 1.34
C GLU B 122 -28.37 -31.12 0.75
N SER B 123 -28.37 -31.23 -0.58
CA SER B 123 -28.02 -32.51 -1.26
C SER B 123 -26.51 -32.80 -1.07
N HIS B 124 -25.66 -32.04 -1.77
CA HIS B 124 -24.19 -32.22 -1.67
C HIS B 124 -23.51 -30.88 -1.39
N ILE B 125 -23.98 -30.17 -0.36
CA ILE B 125 -23.42 -28.83 0.02
C ILE B 125 -22.85 -28.92 1.44
N GLU B 126 -21.52 -28.84 1.57
CA GLU B 126 -20.86 -28.91 2.90
C GLU B 126 -19.80 -27.80 3.00
N PHE B 127 -19.84 -27.01 4.07
CA PHE B 127 -18.88 -25.91 4.28
C PHE B 127 -17.65 -26.43 5.04
N ARG B 128 -16.61 -25.60 5.15
CA ARG B 128 -15.36 -25.98 5.86
C ARG B 128 -14.81 -24.76 6.61
N GLU B 129 -14.26 -24.98 7.80
CA GLU B 129 -13.68 -23.88 8.61
C GLU B 129 -12.23 -23.62 8.19
N HIS B 130 -11.85 -22.35 8.07
CA HIS B 130 -10.47 -21.98 7.66
C HIS B 130 -9.69 -21.45 8.87
N SER B 131 -8.90 -20.38 8.67
CA SER B 131 -8.11 -19.77 9.77
C SER B 131 -9.03 -19.04 10.74
N ARG B 132 -8.75 -19.14 12.04
CA ARG B 132 -9.57 -18.47 13.08
C ARG B 132 -8.72 -17.43 13.81
N ASN B 133 -8.36 -16.34 13.10
CA ASN B 133 -7.53 -15.26 13.70
C ASN B 133 -8.44 -14.30 14.49
N ALA B 134 -7.84 -13.44 15.31
CA ALA B 134 -8.60 -12.46 16.12
C ALA B 134 -8.84 -11.19 15.31
N HIS B 135 -8.19 -11.08 14.15
CA HIS B 135 -8.33 -9.88 13.27
C HIS B 135 -9.61 -10.00 12.45
N THR B 136 -9.83 -11.14 11.81
CA THR B 136 -11.04 -11.37 10.97
C THR B 136 -11.20 -12.88 10.70
N VAL B 137 -12.39 -13.42 11.00
CA VAL B 137 -12.67 -14.87 10.78
C VAL B 137 -13.03 -15.10 9.31
N VAL B 138 -12.59 -16.22 8.74
CA VAL B 138 -12.88 -16.55 7.31
C VAL B 138 -13.32 -18.01 7.22
N TRP B 139 -14.40 -18.29 6.48
CA TRP B 139 -14.92 -19.67 6.32
C TRP B 139 -14.76 -20.10 4.85
N LYS B 140 -15.00 -21.39 4.55
CA LYS B 140 -14.88 -21.91 3.17
C LYS B 140 -16.04 -22.87 2.87
N ILE B 141 -17.12 -22.34 2.29
CA ILE B 141 -18.29 -23.15 1.95
C ILE B 141 -18.04 -23.84 0.62
N ILE B 142 -18.10 -25.17 0.63
CA ILE B 142 -17.85 -25.95 -0.56
C ILE B 142 -19.15 -26.60 -1.01
N SER B 143 -19.13 -27.20 -2.20
CA SER B 143 -20.23 -28.03 -2.64
C SER B 143 -19.64 -29.27 -3.29
N THR B 144 -20.21 -30.44 -3.01
CA THR B 144 -19.65 -31.71 -3.44
C THR B 144 -20.52 -32.38 -4.51
N SER B 145 -21.29 -31.59 -5.25
CA SER B 145 -22.03 -32.05 -6.41
C SER B 145 -21.78 -31.16 -7.62
N TYR B 146 -21.60 -29.85 -7.39
CA TYR B 146 -21.50 -28.86 -8.46
C TYR B 146 -20.16 -28.13 -8.47
N GLN B 147 -19.20 -28.55 -7.63
CA GLN B 147 -17.82 -28.06 -7.65
C GLN B 147 -17.75 -26.54 -7.48
N ASP B 148 -18.37 -26.03 -6.42
CA ASP B 148 -18.38 -24.60 -6.12
C ASP B 148 -17.83 -24.35 -4.71
N GLU B 149 -17.16 -23.21 -4.55
CA GLU B 149 -16.63 -22.86 -3.24
C GLU B 149 -16.71 -21.34 -3.10
N LEU B 150 -17.49 -20.90 -2.12
CA LEU B 150 -17.62 -19.49 -1.76
C LEU B 150 -16.86 -19.30 -0.45
N THR B 151 -16.01 -18.29 -0.40
CA THR B 151 -15.23 -18.06 0.81
C THR B 151 -15.85 -16.88 1.55
N VAL B 152 -16.11 -17.09 2.84
CA VAL B 152 -16.92 -16.17 3.65
C VAL B 152 -16.11 -15.81 4.88
N SER B 153 -15.82 -14.51 5.04
CA SER B 153 -15.03 -14.00 6.15
C SER B 153 -15.90 -13.06 6.98
N LEU B 154 -15.90 -13.25 8.32
CA LEU B 154 -16.41 -12.24 9.24
C LEU B 154 -15.22 -11.55 9.89
N HIS B 155 -15.01 -10.29 9.53
CA HIS B 155 -14.03 -9.45 10.19
C HIS B 155 -14.53 -9.12 11.58
N ILE B 156 -13.74 -9.53 12.58
CA ILE B 156 -14.17 -9.61 13.97
C ILE B 156 -14.33 -8.21 14.56
N THR B 157 -13.30 -7.37 14.40
CA THR B 157 -13.30 -6.04 15.02
C THR B 157 -14.48 -5.19 14.55
N THR B 158 -14.75 -5.14 13.22
CA THR B 158 -15.82 -4.31 12.64
C THR B 158 -17.14 -5.07 12.47
N GLY B 159 -17.14 -6.39 12.61
CA GLY B 159 -18.35 -7.17 12.42
C GLY B 159 -18.82 -7.07 10.99
N LYS B 160 -17.91 -7.29 10.06
CA LYS B 160 -18.23 -7.13 8.65
C LYS B 160 -18.19 -8.49 7.97
N LEU B 161 -19.29 -8.85 7.31
CA LEU B 161 -19.38 -10.15 6.66
C LEU B 161 -19.12 -9.97 5.17
N GLN B 162 -17.94 -10.37 4.74
CA GLN B 162 -17.53 -10.35 3.35
C GLN B 162 -17.69 -11.74 2.75
N ILE B 163 -18.27 -11.81 1.55
CA ILE B 163 -18.42 -13.08 0.87
C ILE B 163 -17.93 -12.90 -0.57
N GLN B 164 -17.07 -13.82 -1.01
CA GLN B 164 -16.42 -13.72 -2.31
C GLN B 164 -16.53 -15.02 -3.07
N GLY B 165 -16.63 -14.92 -4.39
CA GLY B 165 -16.74 -16.09 -5.23
C GLY B 165 -17.68 -15.85 -6.40
N ARG B 166 -17.75 -16.85 -7.29
CA ARG B 166 -18.63 -16.77 -8.48
C ARG B 166 -20.08 -17.08 -8.06
N PRO B 167 -21.10 -16.44 -8.67
CA PRO B 167 -22.50 -16.69 -8.30
C PRO B 167 -22.98 -18.04 -8.87
N LEU B 168 -22.65 -19.13 -8.18
CA LEU B 168 -23.06 -20.50 -8.63
C LEU B 168 -23.88 -20.89 -7.40
N SER B 169 -23.78 -22.15 -6.98
CA SER B 169 -24.72 -22.79 -6.01
C SER B 169 -24.31 -22.44 -4.59
N CYS B 170 -23.05 -22.68 -4.23
CA CYS B 170 -22.53 -22.39 -2.86
C CYS B 170 -22.89 -20.94 -2.49
N TYR B 171 -22.63 -20.00 -3.40
CA TYR B 171 -22.94 -18.59 -3.20
C TYR B 171 -24.45 -18.35 -3.08
N ARG B 172 -25.21 -18.96 -4.00
CA ARG B 172 -26.67 -18.73 -4.13
C ARG B 172 -27.39 -19.20 -2.87
N VAL B 173 -27.06 -20.40 -2.40
CA VAL B 173 -27.70 -20.98 -1.23
C VAL B 173 -27.25 -20.28 0.05
N PHE B 174 -25.98 -19.86 0.12
CA PHE B 174 -25.55 -19.10 1.29
C PHE B 174 -26.23 -17.74 1.32
N THR B 175 -26.37 -17.10 0.16
CA THR B 175 -27.04 -15.82 0.09
C THR B 175 -28.52 -15.95 0.46
N PHE B 176 -29.18 -17.02 0.00
CA PHE B 176 -30.58 -17.20 0.36
C PHE B 176 -30.75 -17.50 1.86
N ASN B 177 -29.87 -18.33 2.42
CA ASN B 177 -29.98 -18.65 3.85
C ASN B 177 -29.68 -17.42 4.72
N LEU B 178 -28.75 -16.58 4.28
CA LEU B 178 -28.53 -15.31 5.00
C LEU B 178 -29.73 -14.38 4.85
N ALA B 179 -30.32 -14.28 3.64
CA ALA B 179 -31.46 -13.41 3.42
C ALA B 179 -32.72 -13.93 4.09
N ALA B 180 -32.77 -15.20 4.47
CA ALA B 180 -33.98 -15.76 5.06
C ALA B 180 -33.91 -15.98 6.57
N LEU B 181 -32.72 -16.11 7.16
CA LEU B 181 -32.63 -16.31 8.61
C LEU B 181 -32.29 -15.04 9.39
N LEU B 182 -31.72 -14.00 8.74
CA LEU B 182 -31.48 -12.70 9.37
C LEU B 182 -32.24 -11.55 8.72
N ASP B 183 -33.34 -11.85 8.02
CA ASP B 183 -34.32 -10.87 7.53
C ASP B 183 -33.63 -9.78 6.71
N LEU B 184 -32.74 -10.19 5.79
CA LEU B 184 -32.11 -9.29 4.84
C LEU B 184 -32.55 -9.60 3.42
N GLN B 185 -33.85 -9.83 3.18
CA GLN B 185 -34.25 -10.53 1.97
C GLN B 185 -34.12 -9.66 0.72
N GLY B 186 -34.24 -8.36 0.89
CA GLY B 186 -34.03 -7.51 -0.28
C GLY B 186 -32.63 -7.55 -0.89
N LEU B 187 -31.65 -8.26 -0.28
CA LEU B 187 -30.28 -8.18 -0.79
C LEU B 187 -30.13 -8.76 -2.18
N GLU B 188 -31.15 -9.47 -2.69
CA GLU B 188 -31.08 -10.01 -4.04
C GLU B 188 -31.08 -8.92 -5.11
N LYS B 189 -31.44 -7.70 -4.74
CA LYS B 189 -31.67 -6.66 -5.73
C LYS B 189 -30.45 -5.78 -5.97
N VAL B 190 -29.48 -5.74 -5.05
CA VAL B 190 -28.27 -4.97 -5.28
C VAL B 190 -27.43 -5.68 -6.34
N LEU B 191 -26.89 -4.90 -7.28
CA LEU B 191 -25.83 -5.34 -8.18
C LEU B 191 -24.50 -4.68 -7.88
N ILE B 192 -24.45 -3.35 -7.77
CA ILE B 192 -23.21 -2.61 -7.50
C ILE B 192 -23.41 -1.74 -6.27
N ARG B 193 -22.39 -1.65 -5.45
CA ARG B 193 -22.34 -0.57 -4.48
C ARG B 193 -20.87 -0.29 -4.28
N GLN B 194 -20.41 0.87 -4.75
CA GLN B 194 -18.99 1.21 -4.65
C GLN B 194 -18.84 2.72 -4.49
N GLU B 195 -17.60 3.15 -4.28
CA GLU B 195 -17.31 4.58 -4.21
C GLU B 195 -17.31 5.18 -5.60
N ASP B 196 -18.12 6.22 -5.78
CA ASP B 196 -18.26 6.90 -7.06
C ASP B 196 -16.99 7.65 -7.45
N GLY B 197 -16.61 7.52 -8.71
CA GLY B 197 -15.47 8.26 -9.21
C GLY B 197 -14.12 7.84 -8.70
N LYS B 198 -14.02 6.77 -7.92
CA LYS B 198 -12.74 6.37 -7.35
C LYS B 198 -12.13 5.27 -8.20
N ALA B 199 -10.80 5.33 -8.34
CA ALA B 199 -10.05 4.39 -9.16
C ALA B 199 -9.61 3.16 -8.36
N ASN B 200 -9.82 1.99 -8.95
CA ASN B 200 -9.22 0.78 -8.45
C ASN B 200 -7.71 0.80 -8.58
N ILE B 201 -7.05 0.01 -7.72
CA ILE B 201 -5.68 -0.38 -7.99
C ILE B 201 -5.66 -1.00 -9.37
N VAL B 202 -4.71 -0.61 -10.15
CA VAL B 202 -4.74 -0.88 -11.57
C VAL B 202 -4.10 -2.23 -11.83
N GLN B 203 -4.68 -2.94 -12.78
CA GLN B 203 -4.24 -4.26 -13.21
C GLN B 203 -2.79 -4.26 -13.63
N GLN B 204 -2.16 -5.43 -13.53
CA GLN B 204 -0.74 -5.51 -13.85
C GLN B 204 -0.48 -5.11 -15.31
N GLU B 205 -1.34 -5.54 -16.23
CA GLU B 205 -1.05 -5.38 -17.66
C GLU B 205 -1.27 -3.94 -18.11
N VAL B 206 -2.21 -3.24 -17.51
CA VAL B 206 -2.30 -1.80 -17.76
C VAL B 206 -1.04 -1.09 -17.29
N ALA B 207 -0.59 -1.42 -16.08
CA ALA B 207 0.62 -0.84 -15.54
C ALA B 207 1.83 -1.17 -16.41
N ARG B 208 1.85 -2.38 -16.98
CA ARG B 208 2.98 -2.80 -17.81
C ARG B 208 3.00 -2.01 -19.14
N THR B 209 1.84 -1.84 -19.79
CA THR B 209 1.88 -1.08 -21.03
C THR B 209 2.23 0.37 -20.77
N TYR B 210 1.86 0.89 -19.60
CA TYR B 210 2.30 2.23 -19.27
C TYR B 210 3.81 2.28 -19.09
N LEU B 211 4.38 1.26 -18.44
CA LEU B 211 5.82 1.23 -18.24
C LEU B 211 6.55 1.14 -19.56
N GLN B 212 6.00 0.38 -20.49
CA GLN B 212 6.59 0.22 -21.80
C GLN B 212 6.58 1.53 -22.59
N THR B 213 5.47 2.25 -22.59
CA THR B 213 5.56 3.50 -23.33
C THR B 213 6.40 4.55 -22.57
N VAL B 214 6.62 4.38 -21.28
CA VAL B 214 7.44 5.38 -20.57
C VAL B 214 8.93 4.98 -20.48
N MET B 215 9.24 3.72 -20.81
CA MET B 215 10.63 3.21 -20.80
C MET B 215 11.26 3.50 -22.17
N ALA B 216 10.42 3.75 -23.18
CA ALA B 216 10.85 4.07 -24.56
C ALA B 216 11.74 2.95 -25.15
N ASP B 217 12.97 3.28 -25.52
CA ASP B 217 13.92 2.31 -26.15
C ASP B 217 14.59 1.43 -25.09
N ALA B 218 14.25 1.62 -23.81
CA ALA B 218 14.85 0.81 -22.75
C ALA B 218 14.03 -0.43 -22.41
N TYR B 219 12.74 -0.47 -22.75
CA TYR B 219 11.89 -1.52 -22.19
C TYR B 219 12.39 -2.94 -22.48
N PRO B 220 12.81 -3.30 -23.69
CA PRO B 220 13.33 -4.66 -23.93
C PRO B 220 14.55 -5.01 -23.08
N HIS B 221 15.22 -4.01 -22.48
CA HIS B 221 16.47 -4.23 -21.74
C HIS B 221 16.30 -4.34 -20.24
N LEU B 222 15.10 -4.04 -19.73
CA LEU B 222 14.84 -4.07 -18.30
C LEU B 222 15.17 -5.42 -17.70
N HIS B 223 15.96 -5.40 -16.63
CA HIS B 223 16.07 -6.56 -15.75
C HIS B 223 14.70 -6.95 -15.19
N VAL B 224 14.51 -8.25 -14.98
CA VAL B 224 13.19 -8.73 -14.55
C VAL B 224 12.83 -8.20 -13.17
N THR B 225 13.77 -8.21 -12.24
CA THR B 225 13.46 -7.62 -10.95
C THR B 225 13.06 -6.16 -11.09
N ALA B 226 13.79 -5.39 -11.92
CA ALA B 226 13.43 -3.98 -12.09
C ALA B 226 12.02 -3.86 -12.65
N GLU B 227 11.71 -4.61 -13.72
CA GLU B 227 10.36 -4.49 -14.26
C GLU B 227 9.31 -4.85 -13.20
N LYS B 228 9.54 -5.91 -12.41
CA LYS B 228 8.53 -6.29 -11.42
C LYS B 228 8.36 -5.18 -10.38
N LEU B 229 9.45 -4.54 -9.95
CA LEU B 229 9.33 -3.43 -8.99
C LEU B 229 8.54 -2.27 -9.60
N LEU B 230 8.95 -1.85 -10.79
CA LEU B 230 8.34 -0.69 -11.43
C LEU B 230 6.87 -0.93 -11.66
N VAL B 231 6.49 -2.14 -12.15
CA VAL B 231 5.10 -2.45 -12.44
C VAL B 231 4.27 -2.49 -11.14
N SER B 232 4.82 -3.06 -10.06
CA SER B 232 4.13 -2.94 -8.76
C SER B 232 3.83 -1.51 -8.38
N GLY B 233 4.90 -0.67 -8.35
CA GLY B 233 4.71 0.72 -8.05
C GLY B 233 3.65 1.36 -8.92
N LEU B 234 3.57 0.94 -10.20
CA LEU B 234 2.63 1.60 -11.11
C LEU B 234 1.20 1.14 -10.86
N CYS B 235 1.00 -0.16 -10.60
CA CYS B 235 -0.30 -0.59 -10.12
C CYS B 235 -0.85 0.32 -9.04
N VAL B 236 0.00 0.74 -8.11
CA VAL B 236 -0.55 1.68 -7.10
C VAL B 236 -0.52 3.16 -7.56
N LYS B 237 0.54 3.63 -8.22
CA LYS B 237 0.63 5.02 -8.69
C LYS B 237 -0.57 5.39 -9.56
N LEU B 238 -0.93 4.53 -10.54
CA LEU B 238 -2.03 4.86 -11.45
C LEU B 238 -3.40 4.77 -10.81
N ALA B 239 -3.49 4.31 -9.57
CA ALA B 239 -4.80 4.32 -8.93
C ALA B 239 -5.15 5.69 -8.40
N ALA B 240 -4.18 6.60 -8.37
CA ALA B 240 -4.32 7.93 -7.79
C ALA B 240 -4.77 7.88 -6.33
N PRO B 241 -4.06 7.20 -5.47
CA PRO B 241 -4.60 6.85 -4.15
C PRO B 241 -4.52 7.99 -3.16
N ASP B 242 -5.52 8.06 -2.28
CA ASP B 242 -5.52 9.06 -1.24
C ASP B 242 -4.78 8.48 -0.02
N LEU B 243 -3.49 8.86 0.14
CA LEU B 243 -2.65 8.42 1.25
C LEU B 243 -2.25 9.59 2.14
N PRO B 244 -2.03 9.39 3.44
CA PRO B 244 -1.42 10.45 4.25
C PRO B 244 0.06 10.67 3.95
N ASP B 245 0.70 9.77 3.19
CA ASP B 245 2.08 9.92 2.78
C ASP B 245 2.33 9.05 1.55
N TYR B 246 3.23 9.50 0.66
CA TYR B 246 3.46 8.88 -0.64
C TYR B 246 4.91 8.41 -0.88
N CYS B 247 5.82 8.66 0.08
CA CYS B 247 7.20 8.21 -0.03
C CYS B 247 7.28 6.77 -0.46
N MET B 248 6.41 5.92 0.08
CA MET B 248 6.49 4.50 -0.27
C MET B 248 6.42 4.29 -1.78
N LEU B 249 5.71 5.19 -2.52
CA LEU B 249 5.55 5.04 -3.97
C LEU B 249 6.81 5.38 -4.73
N LEU B 250 7.79 5.97 -4.09
CA LEU B 250 9.04 6.18 -4.80
C LEU B 250 10.08 5.12 -4.48
N TYR B 251 9.80 4.23 -3.53
CA TYR B 251 10.71 3.10 -3.31
C TYR B 251 11.07 2.33 -4.60
N PRO B 252 10.13 1.92 -5.47
CA PRO B 252 10.55 1.15 -6.68
C PRO B 252 11.54 1.90 -7.55
N GLU B 253 11.34 3.21 -7.76
CA GLU B 253 12.24 3.95 -8.65
C GLU B 253 13.64 4.02 -8.07
N LEU B 254 13.76 4.41 -6.78
CA LEU B 254 15.08 4.57 -6.18
C LEU B 254 15.81 3.24 -6.08
N ARG B 255 15.11 2.18 -5.73
CA ARG B 255 15.80 0.90 -5.65
C ARG B 255 16.25 0.47 -7.05
N THR B 256 15.39 0.65 -8.06
CA THR B 256 15.76 0.25 -9.42
C THR B 256 16.97 1.03 -9.91
N ILE B 257 16.99 2.36 -9.66
CA ILE B 257 18.17 3.16 -9.99
C ILE B 257 19.42 2.55 -9.36
N GLU B 258 19.32 2.26 -8.06
CA GLU B 258 20.47 1.68 -7.29
C GLU B 258 20.91 0.35 -7.93
N GLY B 259 20.00 -0.27 -8.71
CA GLY B 259 20.32 -1.56 -9.37
C GLY B 259 20.89 -1.35 -10.76
N VAL B 260 20.24 -0.52 -11.57
CA VAL B 260 20.70 -0.24 -12.96
C VAL B 260 22.10 0.40 -12.92
N LEU B 261 22.25 1.48 -12.14
CA LEU B 261 23.55 2.20 -12.02
C LEU B 261 24.66 1.19 -11.71
N LYS B 262 24.49 0.40 -10.65
CA LYS B 262 25.49 -0.61 -10.23
C LYS B 262 25.92 -1.45 -11.44
N SER B 263 24.94 -2.06 -12.13
CA SER B 263 25.24 -2.92 -13.30
C SER B 263 26.01 -2.13 -14.36
N LYS B 264 25.42 -1.04 -14.86
CA LYS B 264 26.05 -0.18 -15.91
C LYS B 264 27.49 0.16 -15.50
N MET B 265 27.67 0.66 -14.28
CA MET B 265 29.03 1.04 -13.77
C MET B 265 29.93 -0.20 -13.75
N SER B 266 29.38 -1.34 -13.32
CA SER B 266 30.16 -2.61 -13.24
C SER B 266 30.66 -3.01 -14.63
N GLY B 267 29.83 -2.81 -15.67
CA GLY B 267 30.21 -3.16 -17.06
C GLY B 267 31.08 -2.10 -17.70
N LEU B 268 31.20 -0.93 -17.07
CA LEU B 268 32.03 0.18 -17.62
C LEU B 268 33.41 0.15 -16.96
N GLY B 269 33.70 -0.91 -16.20
CA GLY B 269 35.01 -1.05 -15.52
C GLY B 269 35.01 -0.37 -14.16
N MET B 270 33.85 -0.34 -13.49
CA MET B 270 33.74 0.30 -12.15
C MET B 270 32.89 -0.61 -11.24
N PRO B 271 33.46 -1.69 -10.65
CA PRO B 271 32.71 -2.58 -9.78
C PRO B 271 32.36 -1.91 -8.44
N VAL B 272 31.07 -1.63 -8.23
CA VAL B 272 30.60 -0.97 -6.98
C VAL B 272 30.51 -2.02 -5.87
N GLN B 273 31.41 -1.94 -4.87
CA GLN B 273 31.42 -2.91 -3.74
C GLN B 273 30.65 -2.31 -2.55
N GLN B 274 30.52 -3.08 -1.47
CA GLN B 274 29.81 -2.62 -0.25
C GLN B 274 30.76 -1.81 0.62
N PRO B 275 31.98 -2.32 0.94
CA PRO B 275 32.93 -1.59 1.77
C PRO B 275 33.17 -0.16 1.26
N ALA B 276 33.40 -0.02 -0.05
CA ALA B 276 33.64 1.30 -0.68
C ALA B 276 32.30 2.02 -0.88
N GLY B 277 31.65 1.68 -2.00
CA GLY B 277 30.35 2.25 -2.32
C GLY B 277 30.43 3.05 -3.57
N PHE B 278 29.42 3.86 -3.84
CA PHE B 278 29.50 4.64 -5.07
C PHE B 278 30.54 5.72 -4.85
N GLY B 279 30.59 6.29 -3.65
CA GLY B 279 31.47 7.41 -3.25
C GLY B 279 32.88 7.41 -3.83
N THR B 280 33.55 6.27 -3.90
CA THR B 280 34.90 6.13 -4.48
C THR B 280 35.04 6.75 -5.86
N TYR B 281 34.03 6.69 -6.73
CA TYR B 281 34.23 7.26 -8.07
C TYR B 281 33.60 8.63 -8.23
N PHE B 282 33.28 9.36 -7.17
CA PHE B 282 32.61 10.64 -7.47
C PHE B 282 33.16 11.79 -6.64
N ASP B 283 33.02 12.98 -7.21
CA ASP B 283 33.36 14.25 -6.54
C ASP B 283 32.06 15.04 -6.44
N LYS B 284 32.00 15.97 -5.51
CA LYS B 284 30.80 16.78 -5.29
C LYS B 284 31.24 18.20 -5.10
N PRO B 285 31.62 18.89 -6.19
CA PRO B 285 32.14 20.26 -6.05
C PRO B 285 31.10 21.22 -5.53
N ALA B 286 29.92 21.28 -6.16
CA ALA B 286 28.86 22.15 -5.66
C ALA B 286 27.60 21.37 -5.30
N ALA B 287 26.85 20.89 -6.25
CA ALA B 287 25.59 20.24 -5.91
C ALA B 287 25.37 18.95 -6.65
N HIS B 288 26.16 18.66 -7.68
CA HIS B 288 26.03 17.47 -8.47
C HIS B 288 27.25 16.60 -8.25
N TYR B 289 27.05 15.30 -8.28
CA TYR B 289 28.21 14.45 -8.22
C TYR B 289 28.67 14.24 -9.65
N ILE B 290 29.98 14.19 -9.84
CA ILE B 290 30.51 14.01 -11.18
C ILE B 290 31.58 12.94 -11.12
N LEU B 291 31.56 12.04 -12.11
CA LEU B 291 32.57 11.00 -12.20
C LEU B 291 33.96 11.62 -12.11
N LYS B 292 34.87 10.92 -11.44
CA LYS B 292 36.19 11.49 -11.23
C LYS B 292 37.02 11.40 -12.50
N PRO B 293 37.98 12.29 -12.67
CA PRO B 293 38.65 12.38 -13.98
C PRO B 293 39.30 11.07 -14.42
N GLN B 294 39.88 10.34 -13.46
CA GLN B 294 40.53 9.04 -13.73
C GLN B 294 39.51 8.10 -14.40
N PHE B 295 38.25 8.19 -13.97
CA PHE B 295 37.18 7.35 -14.53
C PHE B 295 36.52 8.02 -15.72
N ALA B 296 36.36 9.35 -15.68
CA ALA B 296 35.66 9.98 -16.79
C ALA B 296 36.48 9.94 -18.06
N ALA B 297 37.81 9.83 -17.93
CA ALA B 297 38.72 9.93 -19.06
C ALA B 297 38.59 8.77 -20.04
N THR B 298 37.91 7.70 -19.66
CA THR B 298 37.78 6.52 -20.51
C THR B 298 36.34 6.33 -21.01
N LEU B 299 35.44 7.31 -20.84
CA LEU B 299 34.05 7.21 -21.27
C LEU B 299 33.69 8.36 -22.21
N ARG B 300 32.60 8.18 -22.97
CA ARG B 300 32.11 9.28 -23.79
C ARG B 300 31.26 10.22 -22.92
N PRO B 301 31.12 11.49 -23.34
CA PRO B 301 30.43 12.48 -22.47
C PRO B 301 29.01 12.09 -22.06
N GLU B 302 28.26 11.49 -22.99
CA GLU B 302 26.92 11.02 -22.66
C GLU B 302 26.95 10.09 -21.47
N GLN B 303 27.93 9.17 -21.45
CA GLN B 303 28.02 8.21 -20.36
C GLN B 303 28.39 8.93 -19.06
N ILE B 304 29.33 9.89 -19.13
CA ILE B 304 29.64 10.67 -17.93
C ILE B 304 28.37 11.27 -17.37
N ASN B 305 27.58 11.93 -18.24
CA ASN B 305 26.42 12.70 -17.78
C ASN B 305 25.33 11.79 -17.24
N ILE B 306 25.04 10.68 -17.93
CA ILE B 306 23.98 9.84 -17.40
C ILE B 306 24.39 9.28 -16.05
N ILE B 307 25.64 8.79 -15.93
CA ILE B 307 26.06 8.16 -14.68
C ILE B 307 26.04 9.16 -13.54
N SER B 308 26.57 10.37 -13.78
CA SER B 308 26.64 11.38 -12.73
C SER B 308 25.26 11.92 -12.35
N THR B 309 24.41 12.19 -13.35
CA THR B 309 23.04 12.59 -13.07
C THR B 309 22.30 11.50 -12.30
N ALA B 310 22.52 10.23 -12.67
CA ALA B 310 21.84 9.14 -11.99
C ALA B 310 22.25 9.08 -10.53
N TYR B 311 23.58 9.05 -10.29
CA TYR B 311 24.07 9.00 -8.91
C TYR B 311 23.57 10.18 -8.11
N THR B 312 23.58 11.39 -8.70
CA THR B 312 23.17 12.60 -7.98
C THR B 312 21.72 12.57 -7.55
N PHE B 313 20.83 12.16 -8.44
CA PHE B 313 19.43 12.05 -8.05
C PHE B 313 19.26 10.97 -6.99
N PHE B 314 19.86 9.80 -7.23
CA PHE B 314 19.77 8.70 -6.30
C PHE B 314 20.15 9.16 -4.90
N ASN B 315 21.29 9.82 -4.79
CA ASN B 315 21.81 10.16 -3.49
C ASN B 315 20.98 11.26 -2.82
N VAL B 316 20.67 12.33 -3.56
CA VAL B 316 19.85 13.40 -2.96
C VAL B 316 18.50 12.85 -2.46
N GLU B 317 17.86 11.94 -3.22
CA GLU B 317 16.51 11.58 -2.80
C GLU B 317 16.52 10.51 -1.72
N ARG B 318 17.41 9.53 -1.88
CA ARG B 318 17.52 8.42 -0.94
C ARG B 318 18.04 8.88 0.42
N HIS B 319 18.81 9.96 0.48
CA HIS B 319 19.42 10.34 1.76
C HIS B 319 18.39 10.46 2.88
N SER B 320 17.28 11.12 2.60
CA SER B 320 16.22 11.20 3.59
C SER B 320 15.07 10.23 3.32
N LEU B 321 14.76 9.85 2.07
CA LEU B 321 13.59 8.99 1.87
C LEU B 321 13.74 7.55 2.39
N PHE B 322 14.97 7.03 2.48
CA PHE B 322 15.27 5.68 2.94
C PHE B 322 15.80 5.63 4.37
N HIS B 323 15.69 6.72 5.14
CA HIS B 323 16.18 6.83 6.51
C HIS B 323 15.18 7.65 7.28
N MET B 324 15.40 7.76 8.61
CA MET B 324 14.65 8.68 9.44
C MET B 324 15.59 9.34 10.43
N GLU B 325 15.25 10.57 10.85
CA GLU B 325 16.10 11.33 11.80
C GLU B 325 15.77 10.94 13.24
N THR B 326 16.71 11.17 14.16
CA THR B 326 16.53 10.79 15.59
C THR B 326 15.43 11.65 16.21
N VAL B 327 14.96 12.66 15.47
CA VAL B 327 13.86 13.55 15.93
C VAL B 327 12.54 12.87 15.59
N VAL B 328 12.58 12.02 14.55
CA VAL B 328 11.44 11.22 14.00
C VAL B 328 10.46 12.17 13.28
N ASP B 329 9.94 13.18 13.98
CA ASP B 329 8.92 14.09 13.39
C ASP B 329 9.55 15.12 12.46
N ALA B 330 10.84 14.94 12.15
CA ALA B 330 11.60 15.87 11.27
C ALA B 330 12.03 15.07 10.03
N SER B 331 11.65 13.80 9.93
CA SER B 331 12.02 13.00 8.77
C SER B 331 11.31 13.47 7.50
N ARG B 332 11.98 13.31 6.37
CA ARG B 332 11.42 13.81 5.13
C ARG B 332 10.16 13.02 4.81
N MET B 333 9.09 13.75 4.45
CA MET B 333 7.79 13.20 4.07
C MET B 333 7.33 13.80 2.75
N ILE B 334 6.44 13.09 2.06
CA ILE B 334 5.79 13.60 0.85
C ILE B 334 4.28 13.39 0.97
N SER B 335 3.54 14.49 1.10
CA SER B 335 2.10 14.44 1.35
C SER B 335 1.27 14.81 0.13
N ASP B 336 1.88 14.78 -1.05
CA ASP B 336 1.25 15.28 -2.27
C ASP B 336 1.57 14.37 -3.43
N MET B 337 0.54 13.93 -4.16
CA MET B 337 0.75 12.98 -5.26
C MET B 337 1.43 13.64 -6.46
N ALA B 338 1.19 14.94 -6.70
CA ALA B 338 1.87 15.56 -7.85
C ALA B 338 3.37 15.66 -7.59
N ARG B 339 3.74 15.90 -6.33
CA ARG B 339 5.15 15.98 -5.93
C ARG B 339 5.86 14.63 -6.12
N LEU B 340 5.20 13.57 -5.65
CA LEU B 340 5.73 12.23 -5.83
C LEU B 340 5.91 11.89 -7.31
N MET B 341 4.92 12.24 -8.13
CA MET B 341 5.00 11.91 -9.55
C MET B 341 6.06 12.73 -10.27
N GLY B 342 6.29 13.98 -9.83
CA GLY B 342 7.43 14.71 -10.37
C GLY B 342 8.72 13.93 -10.19
N LYS B 343 8.95 13.43 -8.97
CA LYS B 343 10.17 12.63 -8.75
C LYS B 343 10.14 11.39 -9.62
N ALA B 344 8.99 10.69 -9.66
CA ALA B 344 8.99 9.40 -10.34
C ALA B 344 9.23 9.58 -11.82
N THR B 345 8.67 10.63 -12.45
CA THR B 345 8.93 10.81 -13.89
C THR B 345 10.40 11.18 -14.14
N ARG B 346 11.05 12.01 -13.28
CA ARG B 346 12.49 12.17 -13.39
C ARG B 346 13.21 10.81 -13.36
N ALA B 347 12.85 9.98 -12.36
CA ALA B 347 13.50 8.67 -12.23
C ALA B 347 13.29 7.80 -13.49
N TRP B 348 12.11 7.88 -14.12
CA TRP B 348 11.90 7.04 -15.31
C TRP B 348 12.83 7.49 -16.44
N GLY B 349 12.93 8.81 -16.65
CA GLY B 349 13.93 9.30 -17.60
C GLY B 349 15.32 8.76 -17.28
N ILE B 350 15.69 8.77 -15.98
CA ILE B 350 17.04 8.36 -15.62
C ILE B 350 17.23 6.89 -15.87
N ILE B 351 16.28 6.05 -15.43
CA ILE B 351 16.36 4.61 -15.65
C ILE B 351 16.46 4.29 -17.14
N LYS B 352 15.52 4.83 -17.94
CA LYS B 352 15.61 4.65 -19.39
C LYS B 352 17.00 5.02 -19.91
N ASP B 353 17.53 6.20 -19.51
CA ASP B 353 18.80 6.60 -20.14
C ASP B 353 19.95 5.71 -19.66
N LEU B 354 19.92 5.28 -18.40
CA LEU B 354 20.90 4.31 -17.93
C LEU B 354 20.94 3.10 -18.85
N TYR B 355 19.79 2.64 -19.34
CA TYR B 355 19.82 1.46 -20.21
C TYR B 355 20.18 1.81 -21.65
N ILE B 356 19.82 3.01 -22.11
CA ILE B 356 19.77 3.31 -23.54
C ILE B 356 21.02 4.04 -23.98
N VAL B 357 21.66 4.76 -23.07
CA VAL B 357 22.82 5.57 -23.43
C VAL B 357 24.06 4.71 -23.56
N MET C 1 30.47 -16.52 3.63
CA MET C 1 29.29 -15.91 3.03
C MET C 1 28.64 -16.89 2.04
N PHE C 2 29.42 -17.91 1.71
CA PHE C 2 29.03 -18.91 0.76
C PHE C 2 29.64 -20.23 1.19
N GLU C 3 29.10 -21.31 0.63
CA GLU C 3 29.60 -22.68 0.78
C GLU C 3 29.48 -23.37 -0.56
N ILE C 4 30.59 -23.93 -1.05
CA ILE C 4 30.53 -24.78 -2.23
C ILE C 4 30.03 -26.16 -1.84
N THR C 5 28.85 -26.53 -2.34
CA THR C 5 28.23 -27.81 -2.01
C THR C 5 28.55 -28.89 -3.03
N GLY C 6 28.81 -28.53 -4.28
CA GLY C 6 29.13 -29.52 -5.29
C GLY C 6 30.12 -29.00 -6.30
N ILE C 7 30.95 -29.90 -6.79
CA ILE C 7 32.06 -29.63 -7.70
C ILE C 7 32.03 -30.69 -8.79
N ASN C 8 32.06 -30.27 -10.05
CA ASN C 8 32.14 -31.23 -11.16
C ASN C 8 33.21 -30.75 -12.14
N VAL C 9 34.42 -31.31 -12.03
CA VAL C 9 35.50 -30.91 -12.91
C VAL C 9 35.07 -31.03 -14.35
N SER C 10 34.54 -32.21 -14.69
CA SER C 10 33.88 -32.47 -15.98
C SER C 10 32.39 -32.77 -15.75
N GLY C 11 31.62 -31.69 -15.59
CA GLY C 11 30.19 -31.74 -15.63
C GLY C 11 29.69 -30.45 -16.26
N ALA C 12 28.39 -30.40 -16.55
CA ALA C 12 27.84 -29.18 -17.14
C ALA C 12 28.02 -28.01 -16.19
N LEU C 13 27.70 -28.23 -14.92
CA LEU C 13 27.86 -27.23 -13.86
C LEU C 13 29.18 -27.53 -13.15
N LYS C 14 30.12 -26.60 -13.19
CA LYS C 14 31.41 -26.85 -12.58
C LYS C 14 31.36 -26.72 -11.06
N ALA C 15 30.40 -25.99 -10.51
CA ALA C 15 30.30 -25.81 -9.07
C ALA C 15 28.90 -25.34 -8.70
N VAL C 16 28.54 -25.57 -7.45
CA VAL C 16 27.28 -25.09 -6.86
C VAL C 16 27.62 -24.29 -5.62
N VAL C 17 27.17 -23.04 -5.59
CA VAL C 17 27.51 -22.07 -4.56
C VAL C 17 26.23 -21.75 -3.80
N MET C 18 26.25 -21.97 -2.50
CA MET C 18 25.10 -21.74 -1.65
C MET C 18 25.37 -20.58 -0.67
N ALA C 19 24.40 -19.70 -0.50
CA ALA C 19 24.53 -18.66 0.51
C ALA C 19 24.33 -19.23 1.91
N THR C 20 25.09 -18.69 2.88
CA THR C 20 25.10 -19.14 4.27
C THR C 20 24.44 -18.18 5.25
N GLY C 21 23.69 -17.19 4.78
CA GLY C 21 23.10 -16.18 5.63
C GLY C 21 22.38 -15.13 4.80
N PHE C 22 22.04 -13.97 5.41
CA PHE C 22 21.26 -12.98 4.64
C PHE C 22 22.08 -12.23 3.58
N GLU C 23 23.40 -12.25 3.65
CA GLU C 23 24.22 -11.58 2.64
C GLU C 23 24.23 -12.35 1.33
N ASN C 24 24.20 -11.61 0.22
CA ASN C 24 24.18 -12.25 -1.09
C ASN C 24 25.60 -12.60 -1.53
N PRO C 25 25.90 -13.89 -1.78
CA PRO C 25 27.28 -14.26 -2.16
C PRO C 25 27.79 -13.56 -3.41
N LEU C 26 26.90 -13.08 -4.29
CA LEU C 26 27.31 -12.43 -5.53
C LEU C 26 27.90 -11.03 -5.32
N SER C 27 27.85 -10.52 -4.10
CA SER C 27 28.60 -9.33 -3.72
C SER C 27 30.04 -9.69 -3.30
N SER C 28 30.36 -10.99 -3.22
CA SER C 28 31.66 -11.47 -2.83
C SER C 28 32.31 -12.26 -3.96
N VAL C 29 31.99 -11.94 -5.22
CA VAL C 29 32.27 -12.94 -6.23
C VAL C 29 33.76 -13.13 -6.39
N ASN C 30 34.56 -12.11 -6.07
CA ASN C 30 35.97 -12.28 -6.36
C ASN C 30 36.53 -13.37 -5.43
N GLU C 31 36.07 -13.41 -4.16
CA GLU C 31 36.45 -14.50 -3.26
C GLU C 31 36.04 -15.86 -3.83
N ILE C 32 34.79 -15.96 -4.32
CA ILE C 32 34.34 -17.23 -4.88
C ILE C 32 35.24 -17.64 -6.05
N GLU C 33 35.71 -16.66 -6.83
CA GLU C 33 36.56 -17.01 -7.96
C GLU C 33 37.83 -17.70 -7.50
N THR C 34 38.46 -17.21 -6.44
CA THR C 34 39.73 -17.81 -6.05
C THR C 34 39.55 -19.17 -5.37
N LYS C 35 38.54 -19.30 -4.50
CA LYS C 35 38.32 -20.59 -3.86
C LYS C 35 38.01 -21.68 -4.88
N LEU C 36 37.18 -21.37 -5.90
CA LEU C 36 36.90 -22.36 -6.95
C LEU C 36 38.17 -22.73 -7.69
N SER C 37 39.00 -21.71 -7.93
CA SER C 37 40.28 -21.89 -8.55
C SER C 37 41.23 -22.74 -7.71
N ALA C 38 40.99 -22.83 -6.40
CA ALA C 38 41.71 -23.75 -5.52
C ALA C 38 41.11 -25.16 -5.58
N LEU C 39 39.80 -25.28 -5.77
CA LEU C 39 39.12 -26.58 -5.81
C LEU C 39 39.11 -27.19 -7.19
N LEU C 40 39.00 -26.37 -8.24
CA LEU C 40 39.01 -26.80 -9.64
C LEU C 40 40.26 -26.21 -10.33
N GLY C 41 40.30 -26.31 -11.66
CA GLY C 41 41.40 -25.71 -12.40
C GLY C 41 41.47 -24.19 -12.24
N SER C 42 42.68 -23.66 -12.45
CA SER C 42 42.94 -22.25 -12.19
C SER C 42 42.07 -21.34 -13.05
N GLU C 43 41.93 -21.65 -14.33
CA GLU C 43 41.07 -20.87 -15.21
C GLU C 43 40.04 -21.82 -15.82
N THR C 44 39.00 -22.11 -15.05
CA THR C 44 37.94 -23.02 -15.47
C THR C 44 36.85 -22.26 -16.19
N THR C 45 36.20 -22.93 -17.15
CA THR C 45 35.14 -22.33 -17.95
C THR C 45 33.94 -23.25 -17.97
N GLY C 46 32.76 -22.69 -17.76
CA GLY C 46 31.53 -23.46 -17.68
C GLY C 46 30.44 -22.62 -17.04
N GLU C 47 29.52 -23.29 -16.37
CA GLU C 47 28.42 -22.62 -15.67
C GLU C 47 28.48 -22.94 -14.20
N ILE C 48 28.06 -21.95 -13.40
CA ILE C 48 28.02 -22.02 -11.96
C ILE C 48 26.58 -21.80 -11.56
N LEU C 49 26.05 -22.70 -10.76
CA LEU C 49 24.74 -22.53 -10.14
C LEU C 49 24.91 -21.94 -8.73
N PHE C 50 24.15 -20.90 -8.44
CA PHE C 50 24.08 -20.25 -7.12
C PHE C 50 22.70 -20.52 -6.51
N ASP C 51 22.68 -21.03 -5.28
CA ASP C 51 21.47 -21.11 -4.47
C ASP C 51 21.45 -19.94 -3.47
N LEU C 52 20.51 -19.01 -3.63
CA LEU C 52 20.53 -17.83 -2.77
C LEU C 52 19.48 -17.85 -1.66
N LEU C 53 19.01 -19.05 -1.29
CA LEU C 53 17.86 -19.17 -0.38
C LEU C 53 18.02 -18.33 0.88
N CYS C 54 19.19 -18.38 1.52
CA CYS C 54 19.31 -17.66 2.79
C CYS C 54 19.43 -16.16 2.61
N ALA C 55 19.65 -15.68 1.40
CA ALA C 55 19.61 -14.24 1.22
C ALA C 55 18.32 -13.78 0.59
N ASN C 56 17.70 -14.67 -0.21
CA ASN C 56 16.57 -14.31 -1.02
C ASN C 56 15.26 -14.93 -0.59
N GLY C 57 15.26 -15.85 0.36
CA GLY C 57 14.05 -16.59 0.67
C GLY C 57 13.70 -17.59 -0.42
N PRO C 58 12.62 -18.34 -0.23
CA PRO C 58 12.19 -19.33 -1.23
C PRO C 58 11.42 -18.69 -2.39
N GLU C 59 12.11 -17.82 -3.14
CA GLU C 59 11.49 -16.94 -4.12
C GLU C 59 11.79 -17.41 -5.54
N TRP C 60 11.19 -16.73 -6.53
CA TRP C 60 11.31 -17.15 -7.92
C TRP C 60 12.71 -16.93 -8.48
N ASN C 61 13.52 -16.09 -7.85
CA ASN C 61 14.93 -15.90 -8.22
C ASN C 61 15.85 -16.44 -7.14
N ARG C 62 15.49 -17.57 -6.55
CA ARG C 62 16.36 -18.16 -5.54
C ARG C 62 17.58 -18.81 -6.19
N PHE C 63 17.41 -19.39 -7.38
CA PHE C 63 18.47 -20.09 -8.09
C PHE C 63 18.89 -19.29 -9.32
N VAL C 64 20.19 -19.04 -9.45
CA VAL C 64 20.71 -18.24 -10.57
C VAL C 64 21.97 -18.89 -11.11
N THR C 65 22.09 -18.97 -12.44
CA THR C 65 23.32 -19.39 -13.10
C THR C 65 24.13 -18.19 -13.59
N LEU C 66 25.45 -18.38 -13.58
CA LEU C 66 26.36 -17.44 -14.22
C LEU C 66 27.47 -18.22 -14.90
N GLU C 67 27.92 -17.71 -16.05
CA GLU C 67 29.03 -18.30 -16.77
C GLU C 67 30.36 -17.92 -16.13
N MET C 68 31.35 -18.80 -16.28
CA MET C 68 32.70 -18.54 -15.81
C MET C 68 33.66 -18.84 -16.96
N LYS C 69 34.44 -17.83 -17.36
CA LYS C 69 35.38 -17.93 -18.46
C LYS C 69 36.77 -17.61 -17.95
N TYR C 70 37.71 -18.54 -18.18
CA TYR C 70 39.10 -18.42 -17.75
C TYR C 70 39.22 -18.06 -16.26
N GLY C 71 38.39 -18.70 -15.44
CA GLY C 71 38.45 -18.49 -14.00
C GLY C 71 37.83 -17.21 -13.52
N ARG C 72 37.09 -16.50 -14.37
CA ARG C 72 36.44 -15.26 -13.95
C ARG C 72 34.93 -15.42 -14.14
N ILE C 73 34.16 -15.09 -13.11
CA ILE C 73 32.70 -15.16 -13.17
C ILE C 73 32.17 -13.93 -13.90
N MET C 74 31.46 -14.16 -15.01
CA MET C 74 30.94 -13.09 -15.87
C MET C 74 29.56 -12.68 -15.39
N LEU C 75 29.47 -11.47 -14.83
CA LEU C 75 28.28 -11.04 -14.13
C LEU C 75 27.14 -10.64 -15.04
N ASP C 76 27.39 -10.37 -16.31
CA ASP C 76 26.29 -9.97 -17.17
C ASP C 76 25.66 -11.14 -17.89
N THR C 77 25.95 -12.38 -17.45
CA THR C 77 25.39 -13.59 -18.06
C THR C 77 24.48 -14.33 -17.08
N ALA C 78 23.88 -13.60 -16.14
CA ALA C 78 23.06 -14.23 -15.11
C ALA C 78 21.75 -14.72 -15.71
N LYS C 79 21.41 -15.97 -15.50
CA LYS C 79 20.11 -16.46 -15.94
C LYS C 79 19.41 -17.10 -14.75
N ILE C 80 18.20 -16.63 -14.44
CA ILE C 80 17.43 -17.21 -13.34
C ILE C 80 16.95 -18.59 -13.75
N ILE C 81 17.14 -19.57 -12.88
CA ILE C 81 16.70 -20.94 -13.15
C ILE C 81 15.55 -21.28 -12.21
N ASP C 82 14.49 -21.86 -12.79
CA ASP C 82 13.35 -22.32 -12.01
C ASP C 82 13.72 -23.58 -11.22
N GLU C 83 13.15 -23.70 -10.02
CA GLU C 83 13.41 -24.87 -9.17
C GLU C 83 12.99 -26.17 -9.87
N GLN C 84 11.99 -26.10 -10.75
CA GLN C 84 11.59 -27.32 -11.45
C GLN C 84 12.58 -27.72 -12.53
N ASP C 85 13.56 -26.87 -12.84
CA ASP C 85 14.57 -27.16 -13.86
C ASP C 85 15.96 -27.47 -13.30
N VAL C 86 16.14 -27.40 -11.99
CA VAL C 86 17.42 -27.75 -11.36
C VAL C 86 17.40 -29.23 -11.02
N PRO C 87 18.44 -29.96 -11.36
CA PRO C 87 18.44 -31.41 -11.09
C PRO C 87 18.18 -31.70 -9.62
N THR C 88 17.44 -32.80 -9.38
CA THR C 88 16.98 -33.09 -8.03
C THR C 88 18.12 -33.43 -7.08
N HIS C 89 19.21 -34.00 -7.58
CA HIS C 89 20.30 -34.37 -6.67
C HIS C 89 20.99 -33.14 -6.09
N ILE C 90 21.17 -32.09 -6.89
CA ILE C 90 21.69 -30.82 -6.37
C ILE C 90 20.74 -30.26 -5.32
N LEU C 91 19.43 -30.37 -5.58
CA LEU C 91 18.44 -29.83 -4.65
C LEU C 91 18.52 -30.51 -3.30
N SER C 92 18.64 -31.83 -3.31
CA SER C 92 18.67 -32.54 -2.04
C SER C 92 20.02 -32.43 -1.35
N LYS C 93 21.08 -32.19 -2.11
CA LYS C 93 22.35 -31.96 -1.43
C LYS C 93 22.35 -30.59 -0.76
N LEU C 94 21.68 -29.59 -1.36
CA LEU C 94 21.46 -28.31 -0.69
C LEU C 94 20.56 -28.45 0.54
N THR C 95 19.49 -29.24 0.43
CA THR C 95 18.62 -29.47 1.58
C THR C 95 19.41 -30.10 2.72
N PHE C 96 20.24 -31.10 2.42
CA PHE C 96 21.07 -31.73 3.45
C PHE C 96 22.02 -30.73 4.09
N THR C 97 22.67 -29.89 3.25
CA THR C 97 23.63 -28.93 3.79
C THR C 97 22.96 -27.97 4.75
N LEU C 98 21.74 -27.53 4.42
CA LEU C 98 20.99 -26.68 5.33
C LEU C 98 20.66 -27.42 6.61
N ARG C 99 20.28 -28.69 6.49
CA ARG C 99 19.86 -29.38 7.70
C ARG C 99 21.01 -29.65 8.63
N ASN C 100 22.25 -29.67 8.12
CA ASN C 100 23.43 -29.84 8.95
C ASN C 100 23.99 -28.54 9.49
N HIS C 101 23.40 -27.40 9.13
CA HIS C 101 23.86 -26.10 9.59
C HIS C 101 22.67 -25.23 9.92
N PRO C 102 21.96 -25.53 11.01
CA PRO C 102 20.83 -24.67 11.39
C PRO C 102 21.25 -23.23 11.63
N GLU C 103 22.54 -22.99 11.86
CA GLU C 103 22.98 -21.62 12.05
C GLU C 103 22.89 -20.81 10.74
N TYR C 104 22.96 -21.47 9.59
CA TYR C 104 22.71 -20.79 8.32
C TYR C 104 21.30 -20.23 8.29
N LEU C 105 20.32 -21.07 8.67
CA LEU C 105 18.93 -20.64 8.73
C LEU C 105 18.72 -19.60 9.82
N GLU C 106 19.47 -19.69 10.93
CA GLU C 106 19.33 -18.69 11.97
C GLU C 106 19.75 -17.32 11.46
N ALA C 107 20.74 -17.28 10.56
CA ALA C 107 21.32 -16.07 9.98
C ALA C 107 20.66 -15.63 8.68
N SER C 108 19.57 -16.28 8.29
CA SER C 108 18.94 -16.11 7.00
C SER C 108 17.86 -15.05 7.03
N VAL C 109 17.22 -14.85 5.87
CA VAL C 109 16.02 -14.05 5.84
C VAL C 109 14.77 -14.91 5.97
N LEU C 110 14.90 -16.24 6.11
CA LEU C 110 13.73 -17.11 6.14
C LEU C 110 12.89 -16.89 7.40
N SER C 111 11.57 -17.04 7.26
CA SER C 111 10.65 -17.08 8.39
C SER C 111 10.49 -18.51 8.89
N PRO C 112 9.88 -18.70 10.06
CA PRO C 112 9.59 -20.08 10.50
C PRO C 112 8.74 -20.87 9.50
N ASP C 113 7.68 -20.27 8.94
CA ASP C 113 6.90 -20.97 7.90
C ASP C 113 7.76 -21.29 6.67
N ASP C 114 8.71 -20.41 6.33
CA ASP C 114 9.61 -20.75 5.23
C ASP C 114 10.55 -21.91 5.59
N VAL C 115 11.09 -21.88 6.82
CA VAL C 115 12.10 -22.86 7.21
C VAL C 115 11.49 -24.25 7.30
N ARG C 116 10.21 -24.35 7.66
CA ARG C 116 9.57 -25.65 7.64
C ARG C 116 8.67 -25.83 6.44
N GLN C 117 8.73 -24.93 5.45
CA GLN C 117 8.21 -25.21 4.12
C GLN C 117 9.26 -25.81 3.20
N VAL C 118 10.54 -25.52 3.45
CA VAL C 118 11.62 -26.13 2.65
C VAL C 118 12.30 -27.29 3.39
N LEU C 119 11.84 -27.58 4.60
CA LEU C 119 12.32 -28.75 5.34
C LEU C 119 11.18 -29.74 5.42
N SER C 120 10.50 -29.89 4.29
CA SER C 120 9.32 -30.75 4.12
C SER C 120 9.62 -32.23 4.36
N MET D 1 26.11 22.69 6.59
CA MET D 1 24.90 21.87 6.60
C MET D 1 23.68 22.61 7.17
N PHE D 2 23.91 23.75 7.81
CA PHE D 2 22.84 24.56 8.36
C PHE D 2 23.29 26.02 8.29
N GLU D 3 22.34 26.94 8.51
CA GLU D 3 22.67 28.36 8.62
C GLU D 3 21.81 28.97 9.72
N ILE D 4 22.44 29.62 10.71
CA ILE D 4 21.70 30.40 11.70
C ILE D 4 21.29 31.71 11.02
N THR D 5 19.99 31.92 10.96
CA THR D 5 19.38 33.05 10.27
C THR D 5 19.14 34.24 11.17
N GLY D 6 18.85 33.99 12.44
CA GLY D 6 18.59 35.04 13.41
C GLY D 6 18.88 34.54 14.81
N ILE D 7 19.26 35.46 15.67
CA ILE D 7 19.66 35.14 17.01
C ILE D 7 18.87 36.05 17.94
N ASN D 8 18.39 35.47 19.06
CA ASN D 8 17.60 36.20 20.08
C ASN D 8 16.40 36.88 19.44
N VAL D 9 15.80 36.20 18.45
CA VAL D 9 14.70 36.76 17.65
C VAL D 9 13.60 37.29 18.57
N SER D 10 13.11 36.45 19.47
CA SER D 10 12.24 36.83 20.57
C SER D 10 13.03 36.67 21.87
N GLY D 11 12.36 36.91 23.00
CA GLY D 11 12.91 36.45 24.27
C GLY D 11 12.89 34.94 24.32
N ALA D 12 11.71 34.35 24.06
CA ALA D 12 11.54 32.91 24.06
C ALA D 12 12.35 32.23 22.96
N LEU D 13 12.29 32.75 21.72
CA LEU D 13 12.94 32.10 20.59
C LEU D 13 14.37 32.62 20.45
N LYS D 14 15.35 31.79 20.82
CA LYS D 14 16.74 32.23 20.86
C LYS D 14 17.44 32.19 19.51
N ALA D 15 16.96 31.41 18.56
CA ALA D 15 17.65 31.30 17.27
C ALA D 15 16.68 30.74 16.24
N VAL D 16 17.06 30.94 14.97
CA VAL D 16 16.40 30.30 13.84
C VAL D 16 17.46 29.64 12.97
N VAL D 17 17.33 28.34 12.71
CA VAL D 17 18.32 27.54 11.99
C VAL D 17 17.71 26.95 10.71
N MET D 18 18.28 27.29 9.55
CA MET D 18 17.70 26.78 8.28
C MET D 18 18.68 25.84 7.55
N ALA D 19 18.18 24.71 7.05
CA ALA D 19 18.99 23.77 6.29
C ALA D 19 19.48 24.42 5.02
N THR D 20 20.72 24.09 4.62
CA THR D 20 21.32 24.70 3.45
C THR D 20 21.49 23.71 2.31
N GLY D 21 20.73 22.62 2.34
CA GLY D 21 20.90 21.57 1.34
C GLY D 21 20.03 20.39 1.71
N PHE D 22 20.28 19.25 1.06
CA PHE D 22 19.38 18.13 1.31
C PHE D 22 19.62 17.42 2.64
N GLU D 23 20.79 17.58 3.26
CA GLU D 23 21.08 16.96 4.55
C GLU D 23 20.26 17.64 5.65
N ASN D 24 19.81 16.85 6.60
CA ASN D 24 18.98 17.37 7.65
C ASN D 24 19.83 17.94 8.75
N PRO D 25 19.70 19.23 9.09
CA PRO D 25 20.57 19.81 10.14
C PRO D 25 20.48 19.10 11.50
N LEU D 26 19.33 18.52 11.81
CA LEU D 26 19.15 17.91 13.09
C LEU D 26 19.92 16.62 13.26
N SER D 27 20.62 16.13 12.23
CA SER D 27 21.53 15.02 12.48
C SER D 27 22.94 15.46 12.94
N SER D 28 23.24 16.75 12.87
CA SER D 28 24.51 17.37 13.27
C SER D 28 24.20 18.41 14.36
N VAL D 29 23.41 18.00 15.36
CA VAL D 29 22.93 19.00 16.32
C VAL D 29 24.08 19.48 17.24
N ASN D 30 25.16 18.70 17.39
CA ASN D 30 26.32 19.13 18.19
C ASN D 30 26.99 20.38 17.61
N GLU D 31 27.15 20.42 16.27
CA GLU D 31 27.70 21.60 15.59
C GLU D 31 26.87 22.86 15.85
N ILE D 32 25.54 22.73 15.72
CA ILE D 32 24.66 23.85 16.03
C ILE D 32 24.83 24.25 17.48
N GLU D 33 25.01 23.27 18.37
CA GLU D 33 25.16 23.59 19.77
C GLU D 33 26.40 24.44 19.98
N THR D 34 27.49 24.07 19.31
CA THR D 34 28.72 24.83 19.50
C THR D 34 28.59 26.23 18.91
N LYS D 35 27.99 26.35 17.70
CA LYS D 35 27.81 27.66 17.10
C LYS D 35 26.87 28.55 17.92
N LEU D 36 25.78 27.99 18.42
CA LEU D 36 24.88 28.78 19.25
C LEU D 36 25.58 29.22 20.52
N SER D 37 26.37 28.33 21.12
CA SER D 37 26.99 28.78 22.36
C SER D 37 28.03 29.85 22.07
N ALA D 38 28.58 29.88 20.85
CA ALA D 38 29.49 30.97 20.51
C ALA D 38 28.75 32.26 20.18
N LEU D 39 27.56 32.21 19.57
CA LEU D 39 26.89 33.46 19.22
C LEU D 39 26.02 34.00 20.34
N LEU D 40 25.52 33.13 21.20
CA LEU D 40 24.73 33.45 22.38
C LEU D 40 25.55 33.08 23.62
N GLY D 41 24.91 33.11 24.79
CA GLY D 41 25.58 32.66 25.99
C GLY D 41 25.99 31.20 25.91
N SER D 42 26.96 30.84 26.75
CA SER D 42 27.57 29.51 26.71
C SER D 42 26.53 28.40 26.92
N GLU D 43 25.65 28.59 27.89
CA GLU D 43 24.59 27.63 28.19
C GLU D 43 23.24 28.35 28.15
N THR D 44 22.71 28.52 26.94
CA THR D 44 21.45 29.21 26.74
C THR D 44 20.27 28.24 26.89
N THR D 45 19.11 28.78 27.31
CA THR D 45 17.89 28.01 27.51
C THR D 45 16.74 28.77 26.86
N GLY D 46 15.94 28.07 26.06
CA GLY D 46 14.87 28.68 25.29
C GLY D 46 14.37 27.76 24.18
N GLU D 47 13.91 28.37 23.09
CA GLU D 47 13.38 27.61 21.96
C GLU D 47 14.21 27.89 20.71
N ILE D 48 14.33 26.88 19.86
CA ILE D 48 15.02 26.98 18.57
C ILE D 48 14.03 26.58 17.49
N LEU D 49 13.85 27.45 16.50
CA LEU D 49 13.06 27.13 15.32
C LEU D 49 13.98 26.62 14.22
N PHE D 50 13.61 25.49 13.62
CA PHE D 50 14.31 24.90 12.49
C PHE D 50 13.45 25.01 11.24
N ASP D 51 14.03 25.58 10.16
CA ASP D 51 13.44 25.55 8.82
C ASP D 51 14.15 24.48 8.00
N LEU D 52 13.45 23.39 7.69
CA LEU D 52 14.04 22.25 7.01
C LEU D 52 13.69 22.20 5.51
N LEU D 53 13.34 23.35 4.91
CA LEU D 53 12.82 23.40 3.54
C LEU D 53 13.72 22.64 2.59
N CYS D 54 15.03 22.88 2.64
CA CYS D 54 15.82 22.25 1.60
C CYS D 54 16.06 20.77 1.83
N ALA D 55 15.68 20.24 2.99
CA ALA D 55 15.80 18.82 3.23
C ALA D 55 14.46 18.11 3.18
N ASN D 56 13.40 18.82 3.51
CA ASN D 56 12.06 18.29 3.66
C ASN D 56 11.09 18.78 2.56
N GLY D 57 11.53 19.65 1.68
CA GLY D 57 10.61 20.20 0.71
C GLY D 57 9.65 21.12 1.43
N PRO D 58 8.71 21.70 0.69
CA PRO D 58 7.69 22.60 1.23
C PRO D 58 6.52 21.81 1.82
N GLU D 59 6.83 21.04 2.86
CA GLU D 59 5.95 20.03 3.39
C GLU D 59 5.38 20.47 4.74
N TRP D 60 4.46 19.65 5.27
CA TRP D 60 3.79 20.00 6.52
C TRP D 60 4.74 19.95 7.72
N ASN D 61 5.85 19.26 7.63
CA ASN D 61 6.84 19.28 8.71
C ASN D 61 8.06 20.09 8.29
N ARG D 62 7.86 21.21 7.60
CA ARG D 62 9.02 22.02 7.20
C ARG D 62 9.63 22.76 8.38
N PHE D 63 8.81 23.21 9.34
CA PHE D 63 9.22 23.98 10.52
C PHE D 63 9.04 23.19 11.81
N VAL D 64 10.10 23.09 12.60
CA VAL D 64 10.07 22.34 13.85
C VAL D 64 10.76 23.17 14.94
N THR D 65 10.17 23.24 16.14
CA THR D 65 10.86 23.82 17.28
C THR D 65 11.43 22.73 18.20
N LEU D 66 12.55 23.06 18.84
CA LEU D 66 13.10 22.20 19.87
C LEU D 66 13.52 23.03 21.07
N GLU D 67 13.34 22.46 22.25
CA GLU D 67 13.78 23.16 23.44
C GLU D 67 15.30 23.06 23.53
N MET D 68 15.89 24.07 24.16
CA MET D 68 17.31 24.12 24.39
C MET D 68 17.47 24.45 25.86
N LYS D 69 18.09 23.55 26.61
CA LYS D 69 18.26 23.74 28.05
C LYS D 69 19.75 23.64 28.36
N TYR D 70 20.26 24.65 29.05
CA TYR D 70 21.67 24.72 29.39
C TYR D 70 22.56 24.47 28.17
N GLY D 71 22.18 25.07 27.04
CA GLY D 71 22.95 25.02 25.83
C GLY D 71 22.87 23.73 25.03
N ARG D 72 21.92 22.85 25.32
CA ARG D 72 21.81 21.60 24.59
C ARG D 72 20.44 21.52 23.93
N ILE D 73 20.42 21.17 22.64
CA ILE D 73 19.15 20.96 21.95
C ILE D 73 18.58 19.62 22.44
N MET D 74 17.38 19.65 23.03
CA MET D 74 16.79 18.43 23.60
C MET D 74 15.98 17.73 22.51
N LEU D 75 16.47 16.60 22.02
CA LEU D 75 15.87 16.07 20.79
C LEU D 75 14.46 15.55 20.98
N ASP D 76 14.03 15.25 22.21
CA ASP D 76 12.71 14.71 22.46
C ASP D 76 11.67 15.80 22.68
N THR D 77 11.96 17.04 22.27
CA THR D 77 11.01 18.14 22.45
C THR D 77 10.54 18.71 21.11
N ALA D 78 10.68 17.96 20.02
CA ALA D 78 10.37 18.53 18.71
C ALA D 78 8.87 18.69 18.56
N LYS D 79 8.47 19.88 18.16
CA LYS D 79 7.08 20.17 17.89
C LYS D 79 6.99 20.86 16.54
N ILE D 80 6.17 20.31 15.67
CA ILE D 80 5.95 20.84 14.34
C ILE D 80 5.13 22.10 14.43
N ILE D 81 5.57 23.13 13.74
CA ILE D 81 4.92 24.43 13.67
C ILE D 81 4.43 24.59 12.25
N ASP D 82 3.16 24.98 12.12
CA ASP D 82 2.61 25.30 10.82
C ASP D 82 3.16 26.66 10.37
N GLU D 83 3.29 26.82 9.05
CA GLU D 83 3.83 28.06 8.50
C GLU D 83 3.01 29.27 8.94
N GLN D 84 1.70 29.12 9.16
CA GLN D 84 0.89 30.27 9.50
C GLN D 84 1.07 30.71 10.93
N ASP D 85 1.84 29.98 11.72
CA ASP D 85 2.13 30.32 13.11
C ASP D 85 3.55 30.87 13.28
N VAL D 86 4.31 30.95 12.19
CA VAL D 86 5.66 31.52 12.18
C VAL D 86 5.54 33.00 11.90
N PRO D 87 6.15 33.85 12.72
CA PRO D 87 6.05 35.30 12.49
C PRO D 87 6.54 35.70 11.10
N THR D 88 5.91 36.74 10.54
CA THR D 88 6.19 37.08 9.15
C THR D 88 7.62 37.56 8.96
N HIS D 89 8.22 38.22 9.96
CA HIS D 89 9.59 38.68 9.77
C HIS D 89 10.56 37.48 9.70
N ILE D 90 10.33 36.44 10.50
CA ILE D 90 11.12 35.24 10.36
C ILE D 90 10.96 34.66 8.97
N LEU D 91 9.71 34.62 8.47
CA LEU D 91 9.44 34.04 7.16
C LEU D 91 10.15 34.81 6.06
N SER D 92 10.11 36.13 6.15
CA SER D 92 10.64 36.91 5.06
C SER D 92 12.15 36.95 5.10
N LYS D 93 12.77 36.78 6.28
CA LYS D 93 14.22 36.67 6.29
C LYS D 93 14.68 35.31 5.81
N LEU D 94 13.89 34.26 6.06
CA LEU D 94 14.19 32.98 5.42
C LEU D 94 14.06 33.08 3.91
N THR D 95 13.00 33.73 3.40
CA THR D 95 12.89 33.87 1.96
C THR D 95 14.04 34.70 1.38
N PHE D 96 14.42 35.79 2.06
CA PHE D 96 15.55 36.58 1.58
C PHE D 96 16.81 35.75 1.49
N THR D 97 17.06 34.92 2.53
CA THR D 97 18.26 34.09 2.53
C THR D 97 18.28 33.12 1.36
N LEU D 98 17.10 32.54 1.04
CA LEU D 98 17.04 31.61 -0.08
C LEU D 98 17.31 32.32 -1.40
N ARG D 99 16.81 33.55 -1.56
CA ARG D 99 17.03 34.23 -2.83
C ARG D 99 18.45 34.76 -2.92
N ASN D 100 19.08 34.97 -1.75
CA ASN D 100 20.44 35.51 -1.67
C ASN D 100 21.50 34.43 -1.72
N HIS D 101 21.10 33.17 -1.65
CA HIS D 101 21.99 32.01 -1.71
C HIS D 101 21.28 30.92 -2.52
N PRO D 102 21.16 31.12 -3.84
CA PRO D 102 20.46 30.13 -4.68
C PRO D 102 21.08 28.74 -4.64
N GLU D 103 22.35 28.62 -4.24
CA GLU D 103 23.00 27.33 -4.18
C GLU D 103 22.42 26.44 -3.07
N TYR D 104 21.81 27.03 -2.03
CA TYR D 104 21.04 26.25 -1.06
C TYR D 104 19.87 25.54 -1.75
N LEU D 105 19.14 26.27 -2.58
CA LEU D 105 18.06 25.64 -3.35
C LEU D 105 18.60 24.66 -4.39
N GLU D 106 19.78 24.91 -4.97
CA GLU D 106 20.31 23.94 -5.92
C GLU D 106 20.64 22.62 -5.23
N ALA D 107 21.03 22.69 -3.96
CA ALA D 107 21.47 21.56 -3.17
C ALA D 107 20.30 20.91 -2.41
N SER D 108 19.09 21.36 -2.70
CA SER D 108 17.88 20.99 -1.98
C SER D 108 17.22 19.79 -2.64
N VAL D 109 16.13 19.30 -2.02
CA VAL D 109 15.29 18.29 -2.63
C VAL D 109 14.15 18.91 -3.42
N LEU D 110 14.05 20.24 -3.46
CA LEU D 110 12.92 20.89 -4.16
C LEU D 110 12.96 20.63 -5.65
N SER D 111 11.79 20.60 -6.25
CA SER D 111 11.67 20.66 -7.70
C SER D 111 11.69 22.12 -8.17
N PRO D 112 11.86 22.36 -9.46
CA PRO D 112 11.75 23.75 -9.98
C PRO D 112 10.41 24.44 -9.71
N ASP D 113 9.32 23.72 -9.94
CA ASP D 113 8.02 24.24 -9.56
C ASP D 113 7.96 24.53 -8.06
N ASP D 114 8.62 23.69 -7.22
CA ASP D 114 8.73 24.04 -5.80
C ASP D 114 9.62 25.27 -5.60
N VAL D 115 10.66 25.41 -6.44
CA VAL D 115 11.68 26.42 -6.22
C VAL D 115 11.08 27.81 -6.32
N ARG D 116 10.07 27.93 -7.20
CA ARG D 116 9.36 29.21 -7.46
C ARG D 116 7.99 29.21 -6.78
N GLN D 117 7.50 28.07 -6.27
CA GLN D 117 6.19 28.13 -5.62
C GLN D 117 6.27 28.72 -4.22
N VAL D 118 7.45 28.71 -3.61
CA VAL D 118 7.68 29.35 -2.31
C VAL D 118 8.36 30.72 -2.45
N LEU D 119 8.65 31.17 -3.68
CA LEU D 119 9.33 32.46 -3.86
C LEU D 119 8.45 33.67 -4.21
N SER D 120 7.18 33.42 -4.57
CA SER D 120 6.23 34.48 -4.85
#